data_4L17
#
_entry.id   4L17
#
_cell.length_a   48.850
_cell.length_b   96.790
_cell.length_c   252.840
_cell.angle_alpha   90.00
_cell.angle_beta   90.00
_cell.angle_gamma   90.00
#
_symmetry.space_group_name_H-M   'P 2 21 21'
#
loop_
_entity.id
_entity.type
_entity.pdbx_description
1 polymer 'Glutamate receptor 2'
2 non-polymer 6,7-DINITROQUINOXALINE-2,3-DIONE
3 non-polymer 'SULFATE ION'
4 water water
#
_entity_poly.entity_id   1
_entity_poly.type   'polypeptide(L)'
_entity_poly.pdbx_seq_one_letter_code
;GANKTVVVTTILESPYVMMKKNHEMLEGNERYEGYCVDLAAEIAKHCGFKYKLTIVGDGKYGARDADTKIWNGMVGELVY
GKADIAIAPLTITYVREEVIDFSKPFMSLGISIMIKKGTPIESAEDLSKQTEIAYGTLDSGSTKEFFRRSKICVFDKMWT
YMRSAEPSVFVRTTAEGVARVRKSKGKYAYLLESTMNEYIEQRKPCDTMKVGGNLDSKGYGIATPKGSSLGNAVNLAVLK
LNEQGLLDKLKNKWWYDKGECGS
;
_entity_poly.pdbx_strand_id   A,C,E,G
#
loop_
_chem_comp.id
_chem_comp.type
_chem_comp.name
_chem_comp.formula
DNQ non-polymer 6,7-DINITROQUINOXALINE-2,3-DIONE 'C8 H2 N4 O6'
SO4 non-polymer 'SULFATE ION' 'O4 S -2'
#
# COMPACT_ATOMS: atom_id res chain seq x y z
N ASN A 3 -32.28 -3.43 14.15
CA ASN A 3 -32.49 -4.77 13.60
C ASN A 3 -31.57 -5.81 14.22
N LYS A 4 -31.63 -7.03 13.71
CA LYS A 4 -30.76 -8.10 14.18
C LYS A 4 -29.60 -8.30 13.21
N THR A 5 -29.09 -7.20 12.68
CA THR A 5 -27.95 -7.22 11.77
C THR A 5 -26.68 -6.88 12.53
N VAL A 6 -25.79 -7.86 12.66
CA VAL A 6 -24.54 -7.68 13.40
C VAL A 6 -23.62 -6.66 12.73
N VAL A 7 -23.30 -5.59 13.46
CA VAL A 7 -22.40 -4.56 12.96
C VAL A 7 -20.94 -4.99 13.11
N VAL A 8 -20.30 -5.29 11.98
CA VAL A 8 -18.92 -5.75 11.99
C VAL A 8 -17.96 -4.59 11.73
N THR A 9 -17.13 -4.27 12.72
CA THR A 9 -16.09 -3.27 12.54
C THR A 9 -14.82 -3.91 12.01
N THR A 10 -14.19 -3.26 11.04
CA THR A 10 -12.97 -3.77 10.45
C THR A 10 -12.08 -2.62 9.97
N ILE A 11 -10.81 -2.92 9.73
CA ILE A 11 -9.87 -1.90 9.30
C ILE A 11 -9.55 -2.06 7.82
N LEU A 12 -8.95 -1.03 7.23
CA LEU A 12 -8.64 -1.04 5.81
C LEU A 12 -7.18 -1.36 5.56
N GLU A 13 -6.82 -2.64 5.69
CA GLU A 13 -5.45 -3.08 5.52
C GLU A 13 -5.40 -4.25 4.54
N SER A 14 -4.49 -4.17 3.56
CA SER A 14 -4.35 -5.20 2.55
C SER A 14 -3.58 -6.40 3.09
N PRO A 15 -3.96 -7.62 2.67
CA PRO A 15 -5.09 -7.89 1.78
C PRO A 15 -6.33 -8.28 2.56
N TYR A 16 -6.39 -7.90 3.83
CA TYR A 16 -7.50 -8.28 4.69
C TYR A 16 -8.82 -7.64 4.25
N VAL A 17 -8.81 -6.31 4.14
CA VAL A 17 -9.98 -5.60 3.64
C VAL A 17 -9.56 -4.54 2.63
N MET A 18 -10.12 -4.64 1.42
CA MET A 18 -9.77 -3.73 0.34
C MET A 18 -11.00 -3.34 -0.48
N MET A 19 -10.95 -2.16 -1.10
CA MET A 19 -12.04 -1.70 -1.94
C MET A 19 -12.02 -2.43 -3.28
N LYS A 20 -13.19 -2.86 -3.74
CA LYS A 20 -13.30 -3.55 -5.02
C LYS A 20 -12.98 -2.64 -6.20
N LYS A 21 -13.25 -3.13 -7.41
CA LYS A 21 -12.99 -2.38 -8.63
C LYS A 21 -14.02 -1.25 -8.81
N ASN A 22 -15.30 -1.62 -8.86
CA ASN A 22 -16.36 -0.64 -9.00
C ASN A 22 -17.10 -0.41 -7.68
N HIS A 23 -16.34 -0.19 -6.61
CA HIS A 23 -16.94 -0.01 -5.30
C HIS A 23 -17.84 1.22 -5.26
N GLU A 24 -17.60 2.16 -6.17
CA GLU A 24 -18.43 3.36 -6.26
C GLU A 24 -19.82 3.01 -6.78
N MET A 25 -19.89 1.98 -7.62
CA MET A 25 -21.15 1.55 -8.19
C MET A 25 -21.84 0.50 -7.31
N LEU A 26 -21.09 -0.02 -6.34
CA LEU A 26 -21.62 -1.06 -5.46
C LEU A 26 -22.07 -0.47 -4.12
N GLU A 27 -22.83 -1.26 -3.36
CA GLU A 27 -23.33 -0.82 -2.07
C GLU A 27 -23.27 -1.94 -1.03
N GLY A 28 -23.09 -1.55 0.22
CA GLY A 28 -23.05 -2.51 1.32
C GLY A 28 -21.78 -3.34 1.34
N ASN A 29 -21.87 -4.53 1.91
CA ASN A 29 -20.73 -5.43 2.03
C ASN A 29 -20.08 -5.74 0.69
N GLU A 30 -20.85 -5.66 -0.39
CA GLU A 30 -20.36 -6.00 -1.71
C GLU A 30 -19.32 -4.99 -2.22
N ARG A 31 -19.12 -3.92 -1.46
CA ARG A 31 -18.13 -2.91 -1.81
C ARG A 31 -16.72 -3.37 -1.48
N TYR A 32 -16.61 -4.24 -0.47
CA TYR A 32 -15.31 -4.66 0.02
C TYR A 32 -14.94 -6.08 -0.40
N GLU A 33 -13.66 -6.41 -0.28
CA GLU A 33 -13.17 -7.75 -0.57
C GLU A 33 -11.86 -7.98 0.15
N GLY A 34 -11.47 -9.25 0.30
CA GLY A 34 -10.22 -9.60 0.94
C GLY A 34 -10.33 -10.74 1.92
N TYR A 35 -9.25 -11.01 2.63
CA TYR A 35 -9.18 -12.10 3.58
C TYR A 35 -10.29 -12.01 4.63
N CYS A 36 -10.29 -10.93 5.39
CA CYS A 36 -11.26 -10.75 6.47
C CYS A 36 -12.69 -10.66 5.95
N VAL A 37 -12.85 -10.17 4.73
CA VAL A 37 -14.17 -10.09 4.12
C VAL A 37 -14.71 -11.49 3.86
N ASP A 38 -13.84 -12.37 3.37
CA ASP A 38 -14.21 -13.77 3.14
C ASP A 38 -14.42 -14.49 4.46
N LEU A 39 -13.55 -14.21 5.43
CA LEU A 39 -13.64 -14.82 6.75
C LEU A 39 -14.95 -14.45 7.43
N ALA A 40 -15.31 -13.18 7.36
CA ALA A 40 -16.55 -12.69 7.95
C ALA A 40 -17.75 -13.46 7.43
N ALA A 41 -17.75 -13.72 6.12
CA ALA A 41 -18.85 -14.46 5.49
C ALA A 41 -19.00 -15.84 6.09
N GLU A 42 -17.88 -16.52 6.33
CA GLU A 42 -17.89 -17.86 6.89
C GLU A 42 -18.34 -17.85 8.35
N ILE A 43 -17.74 -16.97 9.14
CA ILE A 43 -18.11 -16.82 10.54
C ILE A 43 -19.61 -16.63 10.68
N ALA A 44 -20.15 -15.73 9.87
CA ALA A 44 -21.59 -15.44 9.90
C ALA A 44 -22.41 -16.63 9.43
N LYS A 45 -21.86 -17.40 8.51
CA LYS A 45 -22.55 -18.56 7.95
C LYS A 45 -22.77 -19.64 9.01
N HIS A 46 -21.72 -19.92 9.78
CA HIS A 46 -21.78 -20.98 10.79
C HIS A 46 -22.41 -20.51 12.09
N CYS A 47 -22.23 -19.23 12.41
CA CYS A 47 -22.86 -18.65 13.58
C CYS A 47 -24.29 -18.24 13.27
N GLY A 48 -24.63 -18.27 11.98
CA GLY A 48 -25.97 -17.98 11.53
C GLY A 48 -26.48 -16.59 11.86
N PHE A 49 -25.92 -15.58 11.20
CA PHE A 49 -26.38 -14.21 11.40
C PHE A 49 -26.06 -13.32 10.21
N LYS A 50 -26.95 -12.37 9.94
CA LYS A 50 -26.71 -11.37 8.90
C LYS A 50 -25.89 -10.23 9.48
N TYR A 51 -24.95 -9.72 8.69
CA TYR A 51 -24.02 -8.71 9.19
C TYR A 51 -23.83 -7.54 8.25
N LYS A 52 -23.21 -6.48 8.76
CA LYS A 52 -22.87 -5.31 7.96
C LYS A 52 -21.44 -4.88 8.23
N LEU A 53 -20.65 -4.75 7.16
CA LEU A 53 -19.25 -4.37 7.29
C LEU A 53 -19.08 -2.86 7.39
N THR A 54 -18.41 -2.41 8.43
CA THR A 54 -18.14 -0.99 8.63
C THR A 54 -16.65 -0.78 8.89
N ILE A 55 -16.09 0.29 8.33
CA ILE A 55 -14.68 0.59 8.52
C ILE A 55 -14.50 1.52 9.73
N VAL A 56 -13.58 1.14 10.61
CA VAL A 56 -13.31 1.95 11.80
C VAL A 56 -12.94 3.38 11.40
N GLY A 57 -13.61 4.35 12.03
CA GLY A 57 -13.47 5.75 11.68
C GLY A 57 -12.04 6.26 11.68
N ASP A 58 -11.35 6.10 12.80
CA ASP A 58 -9.99 6.62 12.94
C ASP A 58 -8.95 5.73 12.26
N GLY A 59 -9.41 4.63 11.66
CA GLY A 59 -8.54 3.72 10.94
C GLY A 59 -7.42 3.16 11.79
N LYS A 60 -7.69 2.94 13.07
CA LYS A 60 -6.70 2.37 13.98
C LYS A 60 -7.15 1.01 14.50
N TYR A 61 -6.23 0.27 15.10
CA TYR A 61 -6.53 -1.06 15.62
C TYR A 61 -7.11 -1.02 17.03
N GLY A 62 -6.35 -0.45 17.96
CA GLY A 62 -6.81 -0.33 19.33
C GLY A 62 -5.72 -0.06 20.34
N ALA A 63 -5.60 1.19 20.76
CA ALA A 63 -4.61 1.59 21.76
C ALA A 63 -5.26 2.46 22.82
N ARG A 64 -4.81 2.29 24.06
CA ARG A 64 -5.34 3.07 25.18
C ARG A 64 -4.47 4.28 25.49
N ASP A 65 -4.97 5.47 25.13
CA ASP A 65 -4.24 6.71 25.37
C ASP A 65 -3.87 6.82 26.84
N ALA A 66 -2.58 6.96 27.12
CA ALA A 66 -2.06 6.91 28.49
C ALA A 66 -2.54 8.07 29.37
N ASP A 67 -2.89 9.19 28.75
CA ASP A 67 -3.28 10.38 29.51
C ASP A 67 -4.80 10.50 29.70
N THR A 68 -5.56 10.08 28.70
CA THR A 68 -7.02 10.16 28.77
C THR A 68 -7.64 8.81 29.13
N LYS A 69 -6.81 7.77 29.15
CA LYS A 69 -7.27 6.42 29.46
C LYS A 69 -8.44 6.01 28.56
N ILE A 70 -8.41 6.45 27.32
CA ILE A 70 -9.46 6.15 26.36
C ILE A 70 -8.94 5.31 25.20
N TRP A 71 -9.67 4.25 24.87
CA TRP A 71 -9.30 3.36 23.77
C TRP A 71 -9.70 3.94 22.42
N ASN A 72 -8.95 3.58 21.39
CA ASN A 72 -9.25 4.03 20.03
C ASN A 72 -9.42 2.84 19.08
N GLY A 73 -9.49 3.13 17.79
CA GLY A 73 -9.60 2.09 16.78
C GLY A 73 -10.77 1.15 16.99
N MET A 74 -10.59 -0.10 16.60
CA MET A 74 -11.65 -1.10 16.70
C MET A 74 -11.91 -1.53 18.13
N VAL A 75 -10.86 -1.62 18.94
CA VAL A 75 -11.00 -1.97 20.35
C VAL A 75 -11.93 -0.96 21.03
N GLY A 76 -11.74 0.31 20.71
CA GLY A 76 -12.56 1.37 21.26
C GLY A 76 -14.02 1.25 20.83
N GLU A 77 -14.23 0.87 19.57
CA GLU A 77 -15.58 0.73 19.04
C GLU A 77 -16.35 -0.37 19.76
N LEU A 78 -15.64 -1.32 20.35
CA LEU A 78 -16.27 -2.41 21.08
C LEU A 78 -16.59 -1.99 22.51
N VAL A 79 -15.59 -1.48 23.22
CA VAL A 79 -15.75 -1.11 24.62
C VAL A 79 -16.75 0.01 24.81
N TYR A 80 -17.09 0.71 23.74
CA TYR A 80 -18.05 1.81 23.80
C TYR A 80 -19.30 1.53 22.97
N GLY A 81 -19.62 0.25 22.81
CA GLY A 81 -20.85 -0.17 22.16
C GLY A 81 -21.15 0.48 20.83
N LYS A 82 -20.16 0.47 19.93
CA LYS A 82 -20.37 0.98 18.58
C LYS A 82 -20.31 -0.13 17.54
N ALA A 83 -19.84 -1.30 17.97
CA ALA A 83 -19.74 -2.46 17.09
C ALA A 83 -19.95 -3.75 17.87
N ASP A 84 -20.55 -4.75 17.22
CA ASP A 84 -20.84 -6.01 17.86
C ASP A 84 -19.68 -7.00 17.77
N ILE A 85 -18.83 -6.81 16.77
CA ILE A 85 -17.71 -7.72 16.55
C ILE A 85 -16.63 -7.08 15.69
N ALA A 86 -15.37 -7.42 15.96
CA ALA A 86 -14.25 -6.89 15.21
C ALA A 86 -13.51 -7.98 14.45
N ILE A 87 -13.70 -8.00 13.13
CA ILE A 87 -13.05 -8.99 12.29
C ILE A 87 -11.92 -8.34 11.47
N ALA A 88 -10.70 -8.45 11.97
CA ALA A 88 -9.56 -7.79 11.34
C ALA A 88 -8.26 -8.42 11.85
N PRO A 89 -7.11 -8.04 11.25
CA PRO A 89 -5.83 -8.53 11.74
C PRO A 89 -5.47 -7.86 13.07
N LEU A 90 -6.28 -8.11 14.10
CA LEU A 90 -6.07 -7.51 15.41
C LEU A 90 -5.22 -8.42 16.30
N THR A 91 -4.00 -8.01 16.58
CA THR A 91 -3.09 -8.81 17.38
C THR A 91 -3.63 -9.04 18.79
N ILE A 92 -3.56 -10.28 19.25
CA ILE A 92 -4.01 -10.62 20.59
C ILE A 92 -2.99 -10.22 21.63
N THR A 93 -3.28 -9.16 22.39
CA THR A 93 -2.38 -8.67 23.41
C THR A 93 -3.00 -8.72 24.80
N TYR A 94 -2.17 -8.54 25.82
CA TYR A 94 -2.59 -8.62 27.21
C TYR A 94 -3.59 -7.50 27.55
N VAL A 95 -3.17 -6.27 27.33
CA VAL A 95 -4.00 -5.11 27.67
C VAL A 95 -5.36 -5.13 26.96
N ARG A 96 -5.38 -5.69 25.75
CA ARG A 96 -6.63 -5.79 24.99
C ARG A 96 -7.51 -6.89 25.54
N GLU A 97 -6.90 -8.03 25.86
CA GLU A 97 -7.65 -9.16 26.42
C GLU A 97 -8.29 -8.76 27.75
N GLU A 98 -7.77 -7.71 28.36
CA GLU A 98 -8.31 -7.22 29.63
C GLU A 98 -9.58 -6.40 29.44
N VAL A 99 -9.86 -6.00 28.21
CA VAL A 99 -11.02 -5.15 27.94
C VAL A 99 -11.97 -5.74 26.92
N ILE A 100 -11.50 -6.74 26.17
CA ILE A 100 -12.35 -7.40 25.18
C ILE A 100 -12.11 -8.91 25.15
N ASP A 101 -12.98 -9.62 24.45
CA ASP A 101 -12.88 -11.08 24.35
C ASP A 101 -12.35 -11.50 22.98
N PHE A 102 -11.19 -12.15 22.98
CA PHE A 102 -10.59 -12.65 21.75
C PHE A 102 -10.94 -14.11 21.52
N SER A 103 -11.17 -14.46 20.26
CA SER A 103 -11.32 -15.86 19.90
C SER A 103 -9.92 -16.45 19.78
N LYS A 104 -9.85 -17.77 19.58
CA LYS A 104 -8.57 -18.41 19.33
C LYS A 104 -8.02 -17.88 18.01
N PRO A 105 -6.70 -17.75 17.93
CA PRO A 105 -6.03 -17.17 16.75
C PRO A 105 -6.50 -17.81 15.45
N PHE A 106 -6.69 -17.00 14.42
CA PHE A 106 -7.04 -17.50 13.10
C PHE A 106 -5.86 -17.33 12.15
N MET A 107 -4.76 -16.83 12.69
CA MET A 107 -3.53 -16.64 11.92
C MET A 107 -2.35 -16.36 12.85
N SER A 108 -1.27 -17.11 12.66
CA SER A 108 -0.07 -16.93 13.48
C SER A 108 0.95 -16.06 12.75
N LEU A 109 1.69 -15.27 13.51
CA LEU A 109 2.70 -14.38 12.94
C LEU A 109 3.80 -14.05 13.93
N GLY A 110 4.70 -13.16 13.52
CA GLY A 110 5.79 -12.72 14.38
C GLY A 110 6.62 -11.65 13.71
N ILE A 111 7.38 -10.92 14.51
CA ILE A 111 8.24 -9.86 13.99
C ILE A 111 9.26 -10.43 13.01
N SER A 112 9.30 -9.85 11.81
CA SER A 112 10.23 -10.31 10.78
C SER A 112 11.03 -9.14 10.22
N ILE A 113 12.09 -9.47 9.49
CA ILE A 113 12.94 -8.45 8.89
C ILE A 113 12.65 -8.31 7.40
N MET A 114 12.33 -7.09 6.98
CA MET A 114 12.15 -6.80 5.57
C MET A 114 13.34 -6.03 5.03
N ILE A 115 13.97 -6.57 3.99
CA ILE A 115 15.10 -5.90 3.36
C ILE A 115 14.89 -5.79 1.86
N LYS A 116 15.56 -4.82 1.25
CA LYS A 116 15.57 -4.72 -0.20
C LYS A 116 16.47 -5.82 -0.75
N LYS A 117 15.98 -6.56 -1.73
CA LYS A 117 16.74 -7.66 -2.31
C LYS A 117 18.16 -7.22 -2.64
N GLY A 118 19.14 -8.04 -2.26
CA GLY A 118 20.54 -7.72 -2.50
C GLY A 118 21.24 -7.30 -1.23
N THR A 119 20.46 -6.89 -0.23
CA THR A 119 21.01 -6.48 1.06
C THR A 119 21.74 -7.65 1.74
N PRO A 120 22.99 -7.41 2.14
CA PRO A 120 23.82 -8.43 2.80
C PRO A 120 23.40 -8.66 4.26
N ILE A 121 22.14 -9.03 4.46
CA ILE A 121 21.63 -9.34 5.80
C ILE A 121 20.83 -10.64 5.75
N GLU A 122 21.06 -11.51 6.74
CA GLU A 122 20.39 -12.80 6.79
C GLU A 122 19.65 -13.03 8.10
N SER A 123 19.95 -12.21 9.09
CA SER A 123 19.34 -12.37 10.43
C SER A 123 19.38 -11.09 11.25
N ALA A 124 18.70 -11.11 12.38
CA ALA A 124 18.69 -9.98 13.29
C ALA A 124 20.07 -9.77 13.90
N GLU A 125 20.80 -10.87 14.09
CA GLU A 125 22.14 -10.81 14.64
C GLU A 125 23.06 -10.05 13.70
N ASP A 126 22.78 -10.13 12.40
CA ASP A 126 23.57 -9.40 11.40
C ASP A 126 23.39 -7.90 11.55
N LEU A 127 22.15 -7.47 11.73
CA LEU A 127 21.85 -6.05 11.90
C LEU A 127 22.52 -5.50 13.15
N SER A 128 22.65 -6.32 14.17
CA SER A 128 23.18 -5.89 15.46
C SER A 128 24.71 -5.76 15.44
N LYS A 129 25.36 -6.45 14.50
CA LYS A 129 26.82 -6.41 14.41
C LYS A 129 27.31 -5.43 13.34
N GLN A 130 26.50 -4.43 13.03
CA GLN A 130 26.88 -3.46 12.00
C GLN A 130 26.05 -2.18 12.08
N THR A 131 26.51 -1.14 11.37
CA THR A 131 25.81 0.14 11.36
C THR A 131 25.61 0.61 9.92
N GLU A 132 26.38 0.00 9.01
CA GLU A 132 26.31 0.35 7.59
C GLU A 132 24.85 0.42 7.12
N ILE A 133 24.06 -0.56 7.55
CA ILE A 133 22.66 -0.64 7.17
C ILE A 133 21.76 -0.24 8.34
N ALA A 134 21.08 0.89 8.20
CA ALA A 134 20.17 1.36 9.23
C ALA A 134 18.91 0.51 9.25
N TYR A 135 18.25 0.45 10.40
CA TYR A 135 17.04 -0.33 10.55
C TYR A 135 16.17 0.20 11.67
N GLY A 136 14.85 0.11 11.48
CA GLY A 136 13.91 0.61 12.47
C GLY A 136 12.56 -0.05 12.38
N THR A 137 11.61 0.43 13.18
CA THR A 137 10.26 -0.13 13.20
C THR A 137 9.23 1.00 13.30
N LEU A 138 7.96 0.61 13.34
CA LEU A 138 6.88 1.58 13.55
C LEU A 138 7.10 2.25 14.89
N ASP A 139 6.78 3.55 14.97
CA ASP A 139 7.04 4.32 16.18
C ASP A 139 6.04 4.02 17.29
N SER A 140 5.31 2.92 17.14
CA SER A 140 4.35 2.48 18.15
C SER A 140 3.81 1.10 17.81
N GLY A 141 3.48 0.32 18.83
CA GLY A 141 2.97 -1.03 18.62
C GLY A 141 3.78 -2.08 19.33
N SER A 142 3.38 -3.34 19.16
CA SER A 142 4.03 -4.46 19.83
C SER A 142 5.46 -4.67 19.33
N THR A 143 5.75 -4.20 18.13
CA THR A 143 7.08 -4.37 17.54
C THR A 143 8.12 -3.55 18.29
N LYS A 144 7.90 -2.23 18.33
CA LYS A 144 8.81 -1.34 19.05
C LYS A 144 8.81 -1.69 20.53
N GLU A 145 7.70 -2.23 21.00
CA GLU A 145 7.54 -2.62 22.40
C GLU A 145 8.37 -3.87 22.71
N PHE A 146 8.57 -4.70 21.69
CA PHE A 146 9.31 -5.96 21.85
C PHE A 146 10.79 -5.73 22.13
N PHE A 147 11.36 -4.70 21.52
CA PHE A 147 12.78 -4.42 21.67
C PHE A 147 13.09 -3.66 22.95
N ARG A 148 12.21 -2.73 23.32
CA ARG A 148 12.40 -1.90 24.50
C ARG A 148 12.44 -2.72 25.79
N ARG A 149 11.69 -3.81 25.82
CA ARG A 149 11.61 -4.65 27.01
C ARG A 149 12.27 -6.00 26.79
N SER A 150 13.17 -6.07 25.81
CA SER A 150 13.82 -7.33 25.48
C SER A 150 14.97 -7.68 26.42
N LYS A 151 15.14 -8.97 26.68
CA LYS A 151 16.23 -9.45 27.52
C LYS A 151 17.32 -10.12 26.69
N ILE A 152 17.03 -10.34 25.41
CA ILE A 152 18.02 -10.89 24.48
C ILE A 152 19.06 -9.82 24.17
N CYS A 153 20.32 -10.21 24.16
CA CYS A 153 21.41 -9.24 23.97
C CYS A 153 21.37 -8.55 22.61
N VAL A 154 21.35 -9.34 21.54
CA VAL A 154 21.32 -8.81 20.19
C VAL A 154 20.22 -7.74 20.05
N PHE A 155 19.02 -8.08 20.49
CA PHE A 155 17.86 -7.18 20.35
C PHE A 155 17.94 -5.98 21.26
N ASP A 156 18.52 -6.16 22.44
CA ASP A 156 18.69 -5.04 23.36
C ASP A 156 19.81 -4.15 22.85
N LYS A 157 20.67 -4.75 22.02
CA LYS A 157 21.74 -4.02 21.35
C LYS A 157 21.14 -3.28 20.17
N MET A 158 20.12 -3.88 19.55
CA MET A 158 19.40 -3.23 18.46
C MET A 158 18.58 -2.07 18.99
N TRP A 159 17.91 -2.28 20.11
CA TRP A 159 17.11 -1.23 20.74
C TRP A 159 17.97 -0.04 21.14
N THR A 160 19.12 -0.32 21.74
CA THR A 160 20.05 0.72 22.14
C THR A 160 20.44 1.57 20.92
N TYR A 161 20.61 0.91 19.78
CA TYR A 161 20.95 1.60 18.54
C TYR A 161 19.79 2.44 18.03
N MET A 162 18.62 1.80 17.88
CA MET A 162 17.45 2.47 17.35
C MET A 162 17.07 3.70 18.18
N ARG A 163 16.88 3.50 19.48
CA ARG A 163 16.45 4.57 20.37
C ARG A 163 17.29 5.83 20.20
N SER A 164 18.60 5.67 20.15
CA SER A 164 19.52 6.79 19.98
C SER A 164 20.17 6.75 18.60
N ALA A 165 19.39 7.10 17.58
CA ALA A 165 19.90 7.12 16.21
C ALA A 165 19.37 8.34 15.46
N GLU A 166 20.25 8.97 14.69
CA GLU A 166 19.88 10.17 13.92
C GLU A 166 20.41 10.09 12.49
N PRO A 167 19.52 10.35 11.51
CA PRO A 167 18.11 10.70 11.74
C PRO A 167 17.30 9.51 12.23
N SER A 168 16.12 9.79 12.77
CA SER A 168 15.25 8.75 13.32
C SER A 168 15.06 7.59 12.34
N VAL A 169 14.99 6.38 12.87
CA VAL A 169 14.80 5.19 12.05
C VAL A 169 13.37 4.66 12.20
N PHE A 170 12.55 5.40 12.94
CA PHE A 170 11.17 5.00 13.17
C PHE A 170 10.23 5.68 12.18
N VAL A 171 9.29 4.90 11.64
CA VAL A 171 8.34 5.43 10.67
C VAL A 171 6.96 5.62 11.30
N ARG A 172 6.10 6.37 10.63
CA ARG A 172 4.76 6.65 11.15
C ARG A 172 3.72 5.62 10.71
N THR A 173 3.91 5.05 9.52
CA THR A 173 2.98 4.06 9.01
C THR A 173 3.72 2.87 8.41
N THR A 174 2.98 1.78 8.19
CA THR A 174 3.55 0.58 7.58
C THR A 174 4.08 0.90 6.19
N ALA A 175 3.24 1.53 5.37
CA ALA A 175 3.62 1.89 4.02
C ALA A 175 4.87 2.77 4.01
N GLU A 176 4.95 3.67 4.99
CA GLU A 176 6.10 4.56 5.10
C GLU A 176 7.39 3.77 5.30
N GLY A 177 7.32 2.72 6.11
CA GLY A 177 8.47 1.87 6.35
C GLY A 177 8.87 1.10 5.11
N VAL A 178 7.87 0.58 4.40
CA VAL A 178 8.11 -0.17 3.17
C VAL A 178 8.73 0.74 2.12
N ALA A 179 8.21 1.95 2.02
CA ALA A 179 8.72 2.92 1.05
C ALA A 179 10.19 3.24 1.31
N ARG A 180 10.51 3.50 2.57
CA ARG A 180 11.88 3.84 2.95
C ARG A 180 12.85 2.75 2.54
N VAL A 181 12.41 1.49 2.65
CA VAL A 181 13.24 0.36 2.25
C VAL A 181 13.48 0.38 0.75
N ARG A 182 12.43 0.67 -0.02
CA ARG A 182 12.52 0.67 -1.48
C ARG A 182 13.25 1.90 -2.01
N LYS A 183 13.58 2.84 -1.14
CA LYS A 183 14.24 4.07 -1.56
C LYS A 183 15.65 4.22 -1.00
N SER A 184 15.98 3.41 0.00
CA SER A 184 17.28 3.51 0.65
C SER A 184 18.36 2.69 -0.06
N LYS A 185 18.00 2.11 -1.20
CA LYS A 185 18.94 1.35 -2.01
C LYS A 185 19.61 0.21 -1.21
N GLY A 186 18.87 -0.35 -0.27
CA GLY A 186 19.35 -1.47 0.52
C GLY A 186 20.10 -1.06 1.77
N LYS A 187 20.02 0.22 2.12
CA LYS A 187 20.69 0.73 3.32
C LYS A 187 19.70 0.93 4.47
N TYR A 188 18.53 0.33 4.35
CA TYR A 188 17.54 0.42 5.42
C TYR A 188 16.66 -0.84 5.51
N ALA A 189 16.68 -1.47 6.67
CA ALA A 189 15.84 -2.64 6.92
C ALA A 189 14.66 -2.26 7.79
N TYR A 190 13.52 -2.92 7.57
CA TYR A 190 12.31 -2.60 8.31
C TYR A 190 11.74 -3.83 9.01
N LEU A 191 11.55 -3.73 10.32
CA LEU A 191 11.00 -4.82 11.11
C LEU A 191 9.50 -4.65 11.31
N LEU A 192 8.73 -5.63 10.88
CA LEU A 192 7.28 -5.57 10.96
C LEU A 192 6.66 -6.96 11.08
N GLU A 193 5.33 -7.01 11.16
CA GLU A 193 4.63 -8.28 11.19
C GLU A 193 4.99 -9.11 9.98
N SER A 194 5.23 -10.40 10.20
CA SER A 194 5.62 -11.30 9.12
C SER A 194 4.54 -11.40 8.05
N THR A 195 3.29 -11.49 8.47
CA THR A 195 2.17 -11.61 7.54
C THR A 195 2.17 -10.50 6.50
N MET A 196 2.51 -9.29 6.93
CA MET A 196 2.58 -8.15 6.02
C MET A 196 3.86 -8.21 5.18
N ASN A 197 4.93 -8.68 5.81
CA ASN A 197 6.22 -8.77 5.13
C ASN A 197 6.18 -9.76 3.97
N GLU A 198 5.50 -10.87 4.15
CA GLU A 198 5.39 -11.89 3.11
C GLU A 198 4.32 -11.55 2.08
N TYR A 199 3.56 -10.50 2.35
CA TYR A 199 2.56 -10.01 1.39
C TYR A 199 3.19 -9.01 0.44
N ILE A 200 3.95 -8.06 0.99
CA ILE A 200 4.65 -7.08 0.19
C ILE A 200 5.65 -7.78 -0.74
N GLU A 201 6.15 -8.92 -0.27
CA GLU A 201 7.09 -9.71 -1.05
C GLU A 201 6.42 -10.30 -2.29
N GLN A 202 5.12 -10.08 -2.40
CA GLN A 202 4.34 -10.61 -3.52
C GLN A 202 3.77 -9.50 -4.38
N ARG A 203 4.18 -8.26 -4.12
CA ARG A 203 3.67 -7.12 -4.86
C ARG A 203 4.77 -6.45 -5.68
N LYS A 204 4.36 -5.74 -6.74
CA LYS A 204 5.31 -5.00 -7.56
C LYS A 204 6.01 -3.93 -6.72
N PRO A 205 7.27 -3.62 -7.06
CA PRO A 205 8.00 -4.23 -8.16
C PRO A 205 8.75 -5.49 -7.75
N CYS A 206 8.42 -6.04 -6.58
CA CYS A 206 9.05 -7.26 -6.09
C CYS A 206 10.53 -7.04 -5.80
N ASP A 207 10.85 -5.92 -5.16
CA ASP A 207 12.24 -5.60 -4.85
C ASP A 207 12.56 -5.77 -3.36
N THR A 208 11.62 -6.37 -2.63
CA THR A 208 11.80 -6.61 -1.21
C THR A 208 11.61 -8.08 -0.88
N MET A 209 12.17 -8.51 0.25
CA MET A 209 12.04 -9.90 0.67
C MET A 209 12.17 -10.05 2.18
N LYS A 210 11.64 -11.16 2.69
CA LYS A 210 11.72 -11.49 4.11
C LYS A 210 12.92 -12.38 4.40
N VAL A 211 13.71 -12.00 5.39
CA VAL A 211 14.90 -12.77 5.75
C VAL A 211 14.89 -13.21 7.21
N GLY A 212 15.43 -14.39 7.47
CA GLY A 212 15.48 -14.93 8.81
C GLY A 212 14.13 -15.38 9.32
N GLY A 213 14.12 -15.94 10.52
CA GLY A 213 12.88 -16.38 11.15
C GLY A 213 12.29 -15.27 12.01
N ASN A 214 11.10 -15.51 12.54
CA ASN A 214 10.44 -14.53 13.38
C ASN A 214 11.16 -14.34 14.71
N LEU A 215 11.13 -13.11 15.22
CA LEU A 215 11.81 -12.80 16.49
C LEU A 215 10.87 -13.03 17.67
N ASP A 216 9.61 -13.30 17.37
CA ASP A 216 8.62 -13.61 18.40
C ASP A 216 7.44 -14.34 17.80
N SER A 217 6.34 -14.44 18.54
CA SER A 217 5.16 -15.14 18.08
C SER A 217 3.87 -14.51 18.61
N LYS A 218 3.07 -13.99 17.68
CA LYS A 218 1.80 -13.36 18.03
C LYS A 218 0.66 -14.11 17.35
N GLY A 219 -0.54 -13.55 17.42
CA GLY A 219 -1.69 -14.13 16.78
C GLY A 219 -2.81 -13.14 16.54
N TYR A 220 -3.43 -13.21 15.37
CA TYR A 220 -4.60 -12.39 15.05
C TYR A 220 -5.84 -13.13 15.53
N GLY A 221 -6.75 -12.40 16.18
CA GLY A 221 -7.97 -13.00 16.68
C GLY A 221 -9.19 -12.11 16.50
N ILE A 222 -10.34 -12.72 16.33
CA ILE A 222 -11.60 -12.00 16.25
C ILE A 222 -12.01 -11.52 17.65
N ALA A 223 -12.39 -10.26 17.76
CA ALA A 223 -12.70 -9.68 19.07
C ALA A 223 -14.17 -9.34 19.23
N THR A 224 -14.69 -9.59 20.43
CA THR A 224 -16.06 -9.23 20.78
C THR A 224 -16.09 -8.66 22.19
N PRO A 225 -17.03 -7.74 22.47
CA PRO A 225 -17.17 -7.16 23.81
C PRO A 225 -17.41 -8.25 24.86
N LYS A 226 -16.97 -8.00 26.09
CA LYS A 226 -17.17 -8.98 27.17
C LYS A 226 -18.64 -9.32 27.35
N GLY A 227 -18.90 -10.56 27.76
CA GLY A 227 -20.26 -11.02 27.99
C GLY A 227 -21.13 -10.95 26.76
N SER A 228 -20.52 -11.12 25.60
CA SER A 228 -21.26 -11.11 24.34
C SER A 228 -21.80 -12.49 24.03
N SER A 229 -23.07 -12.55 23.63
CA SER A 229 -23.70 -13.83 23.28
C SER A 229 -23.27 -14.27 21.89
N LEU A 230 -22.09 -13.82 21.46
CA LEU A 230 -21.60 -14.10 20.13
C LEU A 230 -20.22 -14.74 20.19
N GLY A 231 -19.47 -14.40 21.22
CA GLY A 231 -18.10 -14.88 21.37
C GLY A 231 -17.91 -16.37 21.21
N ASN A 232 -18.56 -17.15 22.08
CA ASN A 232 -18.40 -18.59 22.08
C ASN A 232 -18.62 -19.23 20.71
N ALA A 233 -19.68 -18.80 20.02
CA ALA A 233 -19.99 -19.32 18.70
C ALA A 233 -18.89 -18.95 17.70
N VAL A 234 -18.46 -17.70 17.75
CA VAL A 234 -17.38 -17.22 16.89
C VAL A 234 -16.09 -18.00 17.14
N ASN A 235 -15.85 -18.31 18.42
CA ASN A 235 -14.65 -19.05 18.81
C ASN A 235 -14.63 -20.46 18.22
N LEU A 236 -15.79 -21.12 18.24
CA LEU A 236 -15.92 -22.45 17.66
C LEU A 236 -15.84 -22.38 16.14
N ALA A 237 -16.32 -21.27 15.58
CA ALA A 237 -16.31 -21.08 14.13
C ALA A 237 -14.88 -21.04 13.60
N VAL A 238 -14.04 -20.25 14.26
CA VAL A 238 -12.63 -20.13 13.87
C VAL A 238 -11.93 -21.48 13.91
N LEU A 239 -12.11 -22.21 15.00
CA LEU A 239 -11.48 -23.52 15.16
C LEU A 239 -11.89 -24.48 14.05
N LYS A 240 -13.19 -24.52 13.76
CA LYS A 240 -13.70 -25.42 12.74
C LYS A 240 -13.19 -25.03 11.35
N LEU A 241 -13.19 -23.73 11.06
CA LEU A 241 -12.69 -23.24 9.79
C LEU A 241 -11.24 -23.63 9.57
N ASN A 242 -10.46 -23.60 10.65
CA ASN A 242 -9.05 -23.98 10.57
C ASN A 242 -8.89 -25.47 10.29
N GLU A 243 -9.67 -26.29 10.98
CA GLU A 243 -9.59 -27.73 10.83
C GLU A 243 -10.06 -28.17 9.44
N GLN A 244 -10.90 -27.36 8.82
CA GLN A 244 -11.37 -27.63 7.47
C GLN A 244 -10.43 -27.04 6.43
N GLY A 245 -9.30 -26.51 6.91
CA GLY A 245 -8.28 -25.96 6.03
C GLY A 245 -8.73 -24.74 5.25
N LEU A 246 -9.82 -24.12 5.70
CA LEU A 246 -10.36 -22.96 5.01
C LEU A 246 -9.50 -21.72 5.25
N LEU A 247 -9.01 -21.57 6.47
CA LEU A 247 -8.15 -20.44 6.81
C LEU A 247 -6.88 -20.44 5.97
N ASP A 248 -6.30 -21.63 5.79
CA ASP A 248 -5.11 -21.77 4.96
C ASP A 248 -5.42 -21.48 3.51
N LYS A 249 -6.62 -21.85 3.07
CA LYS A 249 -7.05 -21.61 1.70
C LYS A 249 -7.23 -20.11 1.46
N LEU A 250 -7.79 -19.41 2.45
CA LEU A 250 -7.94 -17.98 2.39
C LEU A 250 -6.57 -17.29 2.39
N LYS A 251 -5.66 -17.82 3.20
CA LYS A 251 -4.30 -17.30 3.27
C LYS A 251 -3.62 -17.40 1.92
N ASN A 252 -3.68 -18.59 1.31
CA ASN A 252 -3.02 -18.81 0.04
C ASN A 252 -3.66 -18.04 -1.11
N LYS A 253 -4.97 -17.86 -1.02
CA LYS A 253 -5.73 -17.16 -2.06
C LYS A 253 -5.29 -15.71 -2.22
N TRP A 254 -5.29 -14.98 -1.11
CA TRP A 254 -5.03 -13.54 -1.14
C TRP A 254 -3.56 -13.17 -1.03
N TRP A 255 -2.72 -14.17 -0.70
CA TRP A 255 -1.29 -13.92 -0.54
C TRP A 255 -0.47 -14.39 -1.73
N TYR A 256 -0.76 -15.60 -2.22
CA TYR A 256 0.10 -16.21 -3.23
C TYR A 256 -0.59 -16.44 -4.58
N ASP A 257 -1.86 -16.84 -4.55
CA ASP A 257 -2.61 -17.05 -5.77
C ASP A 257 -2.75 -15.73 -6.55
N LYS A 258 -2.85 -14.64 -5.81
CA LYS A 258 -2.93 -13.32 -6.42
C LYS A 258 -1.60 -12.58 -6.31
N GLY A 259 -0.53 -13.35 -6.12
CA GLY A 259 0.80 -12.78 -6.04
C GLY A 259 1.27 -12.29 -7.40
N GLU A 260 2.35 -11.54 -7.41
CA GLU A 260 2.85 -10.95 -8.65
C GLU A 260 4.31 -11.31 -8.91
N CYS A 261 4.87 -12.13 -8.02
CA CYS A 261 6.22 -12.64 -8.20
C CYS A 261 6.22 -14.15 -8.43
N LYS B 4 -6.87 -25.27 49.51
CA LYS B 4 -6.91 -24.35 48.39
C LYS B 4 -5.90 -24.74 47.31
N THR B 5 -5.33 -25.93 47.46
CA THR B 5 -4.34 -26.42 46.51
C THR B 5 -4.99 -26.80 45.18
N VAL B 6 -4.48 -26.23 44.10
CA VAL B 6 -4.99 -26.51 42.77
C VAL B 6 -4.42 -27.80 42.21
N VAL B 7 -5.29 -28.74 41.85
CA VAL B 7 -4.87 -30.01 41.30
C VAL B 7 -4.56 -29.87 39.81
N VAL B 8 -3.27 -29.89 39.47
CA VAL B 8 -2.84 -29.74 38.10
C VAL B 8 -2.56 -31.08 37.44
N THR B 9 -3.38 -31.43 36.44
CA THR B 9 -3.16 -32.65 35.68
C THR B 9 -2.25 -32.39 34.49
N THR B 10 -1.39 -33.35 34.18
CA THR B 10 -0.48 -33.23 33.05
C THR B 10 -0.04 -34.61 32.59
N ILE B 11 0.52 -34.67 31.39
CA ILE B 11 0.96 -35.93 30.81
C ILE B 11 2.48 -36.05 30.83
N LEU B 12 2.98 -37.27 30.83
CA LEU B 12 4.41 -37.51 30.86
C LEU B 12 4.99 -37.56 29.45
N GLU B 13 5.27 -36.38 28.90
CA GLU B 13 5.81 -36.27 27.54
C GLU B 13 7.00 -35.32 27.52
N SER B 14 8.12 -35.80 26.99
CA SER B 14 9.35 -34.99 26.93
C SER B 14 9.29 -33.97 25.79
N PRO B 15 9.89 -32.79 26.00
CA PRO B 15 10.52 -32.39 27.25
C PRO B 15 9.56 -31.65 28.17
N TYR B 16 8.27 -31.70 27.85
CA TYR B 16 7.25 -30.98 28.60
C TYR B 16 7.26 -31.40 30.07
N VAL B 17 7.02 -32.68 30.32
CA VAL B 17 7.05 -33.23 31.68
C VAL B 17 7.89 -34.49 31.73
N MET B 18 8.95 -34.46 32.54
CA MET B 18 9.87 -35.59 32.64
C MET B 18 10.21 -35.90 34.09
N MET B 19 10.70 -37.12 34.32
CA MET B 19 11.12 -37.53 35.66
C MET B 19 12.58 -37.17 35.91
N LYS B 20 12.84 -36.51 37.03
CA LYS B 20 14.21 -36.16 37.39
C LYS B 20 15.06 -37.41 37.58
N LYS B 21 16.37 -37.25 37.49
CA LYS B 21 17.29 -38.38 37.62
C LYS B 21 17.12 -39.10 38.94
N ASN B 22 16.73 -38.36 39.98
CA ASN B 22 16.57 -38.93 41.31
C ASN B 22 15.14 -38.79 41.83
N HIS B 23 14.16 -39.10 40.98
CA HIS B 23 12.75 -38.97 41.36
C HIS B 23 12.35 -39.96 42.43
N GLU B 24 13.27 -40.87 42.77
CA GLU B 24 13.01 -41.87 43.80
C GLU B 24 13.25 -41.28 45.19
N MET B 25 14.09 -40.26 45.26
CA MET B 25 14.42 -39.62 46.53
C MET B 25 13.61 -38.35 46.75
N LEU B 26 12.88 -37.94 45.70
CA LEU B 26 12.10 -36.71 45.77
C LEU B 26 10.63 -37.01 46.03
N GLU B 27 9.88 -35.97 46.37
CA GLU B 27 8.45 -36.13 46.67
C GLU B 27 7.69 -34.85 46.32
N GLY B 28 6.54 -35.01 45.66
CA GLY B 28 5.73 -33.88 45.27
C GLY B 28 6.08 -33.37 43.88
N ASN B 29 6.03 -32.05 43.72
CA ASN B 29 6.34 -31.43 42.43
C ASN B 29 7.83 -31.49 42.09
N GLU B 30 8.66 -31.63 43.12
CA GLU B 30 10.10 -31.68 42.94
C GLU B 30 10.53 -32.91 42.15
N ARG B 31 9.65 -33.90 42.05
CA ARG B 31 9.94 -35.12 41.32
C ARG B 31 10.04 -34.87 39.81
N TYR B 32 9.30 -33.87 39.35
CA TYR B 32 9.19 -33.64 37.90
C TYR B 32 10.01 -32.44 37.43
N GLU B 33 10.19 -32.35 36.13
CA GLU B 33 10.90 -31.23 35.50
C GLU B 33 10.48 -31.13 34.04
N GLY B 34 10.85 -30.04 33.38
CA GLY B 34 10.55 -29.86 31.98
C GLY B 34 9.77 -28.61 31.67
N TYR B 35 9.51 -28.39 30.38
CA TYR B 35 8.83 -27.20 29.90
C TYR B 35 7.56 -26.90 30.71
N CYS B 36 6.58 -27.78 30.61
CA CYS B 36 5.29 -27.58 31.30
C CYS B 36 5.46 -27.49 32.81
N VAL B 37 6.46 -28.18 33.35
CA VAL B 37 6.75 -28.12 34.77
C VAL B 37 7.21 -26.72 35.16
N ASP B 38 8.07 -26.15 34.33
CA ASP B 38 8.55 -24.78 34.55
C ASP B 38 7.41 -23.80 34.30
N LEU B 39 6.68 -24.00 33.22
CA LEU B 39 5.54 -23.16 32.87
C LEU B 39 4.54 -23.11 34.01
N ALA B 40 4.22 -24.29 34.56
CA ALA B 40 3.28 -24.38 35.67
C ALA B 40 3.69 -23.46 36.81
N ALA B 41 4.97 -23.46 37.14
CA ALA B 41 5.49 -22.61 38.20
C ALA B 41 5.20 -21.14 37.90
N GLU B 42 5.34 -20.77 36.63
CA GLU B 42 5.09 -19.39 36.20
C GLU B 42 3.61 -19.06 36.26
N ILE B 43 2.79 -19.88 35.60
CA ILE B 43 1.35 -19.70 35.59
C ILE B 43 0.81 -19.54 37.00
N ALA B 44 1.29 -20.39 37.91
CA ALA B 44 0.85 -20.36 39.29
C ALA B 44 1.28 -19.07 40.00
N LYS B 45 2.50 -18.64 39.74
CA LYS B 45 3.05 -17.46 40.39
C LYS B 45 2.26 -16.19 40.05
N HIS B 46 1.87 -16.06 38.79
CA HIS B 46 1.15 -14.87 38.33
C HIS B 46 -0.33 -14.91 38.70
N CYS B 47 -0.90 -16.11 38.76
CA CYS B 47 -2.30 -16.26 39.13
C CYS B 47 -2.46 -16.33 40.65
N GLY B 48 -1.35 -16.54 41.35
CA GLY B 48 -1.35 -16.58 42.80
C GLY B 48 -2.10 -17.76 43.39
N PHE B 49 -1.51 -18.94 43.29
CA PHE B 49 -2.11 -20.14 43.88
C PHE B 49 -1.08 -21.26 44.07
N LYS B 50 -1.36 -22.14 45.01
CA LYS B 50 -0.52 -23.32 45.22
C LYS B 50 -1.06 -24.49 44.41
N TYR B 51 -0.16 -25.31 43.89
CA TYR B 51 -0.56 -26.37 42.96
C TYR B 51 0.12 -27.70 43.24
N LYS B 52 -0.57 -28.78 42.90
CA LYS B 52 -0.03 -30.12 43.01
C LYS B 52 -0.04 -30.80 41.64
N LEU B 53 1.13 -31.21 41.16
CA LEU B 53 1.24 -31.83 39.85
C LEU B 53 0.93 -33.32 39.92
N THR B 54 0.04 -33.77 39.05
CA THR B 54 -0.31 -35.19 38.97
C THR B 54 -0.33 -35.66 37.52
N ILE B 55 0.18 -36.86 37.30
CA ILE B 55 0.20 -37.45 35.96
C ILE B 55 -1.14 -38.11 35.65
N VAL B 56 -1.74 -37.72 34.53
CA VAL B 56 -3.02 -38.29 34.12
C VAL B 56 -2.99 -39.82 34.17
N GLY B 57 -4.02 -40.40 34.79
CA GLY B 57 -4.07 -41.83 35.02
C GLY B 57 -3.77 -42.69 33.80
N ASP B 58 -4.49 -42.45 32.71
CA ASP B 58 -4.36 -43.29 31.52
C ASP B 58 -3.27 -42.81 30.56
N GLY B 59 -2.59 -41.73 30.92
CA GLY B 59 -1.49 -41.21 30.13
C GLY B 59 -1.88 -40.80 28.71
N LYS B 60 -3.11 -40.31 28.56
CA LYS B 60 -3.58 -39.84 27.26
C LYS B 60 -3.94 -38.36 27.32
N TYR B 61 -4.08 -37.75 26.15
CA TYR B 61 -4.40 -36.32 26.09
C TYR B 61 -5.90 -36.06 26.28
N GLY B 62 -6.72 -36.66 25.42
CA GLY B 62 -8.15 -36.51 25.57
C GLY B 62 -8.96 -36.77 24.30
N ALA B 63 -9.52 -37.97 24.19
CA ALA B 63 -10.39 -38.32 23.09
C ALA B 63 -11.73 -38.81 23.61
N ARG B 64 -12.76 -38.75 22.77
CA ARG B 64 -14.09 -39.15 23.16
C ARG B 64 -14.55 -40.39 22.40
N ASP B 65 -14.73 -41.49 23.12
CA ASP B 65 -15.19 -42.75 22.52
C ASP B 65 -16.47 -42.53 21.73
N ALA B 66 -16.54 -43.12 20.55
CA ALA B 66 -17.69 -42.94 19.67
C ALA B 66 -18.90 -43.74 20.16
N ASP B 67 -18.65 -44.75 20.99
CA ASP B 67 -19.72 -45.61 21.48
C ASP B 67 -20.31 -45.09 22.79
N THR B 68 -19.49 -44.99 23.82
CA THR B 68 -19.94 -44.55 25.12
C THR B 68 -19.95 -43.03 25.26
N LYS B 69 -19.30 -42.36 24.31
CA LYS B 69 -19.19 -40.90 24.34
C LYS B 69 -18.51 -40.40 25.61
N ILE B 70 -17.60 -41.20 26.14
CA ILE B 70 -16.86 -40.82 27.34
C ILE B 70 -15.50 -40.24 26.99
N TRP B 71 -15.12 -39.17 27.67
CA TRP B 71 -13.82 -38.54 27.46
C TRP B 71 -12.75 -39.18 28.32
N ASN B 72 -11.60 -39.47 27.71
CA ASN B 72 -10.46 -40.00 28.44
C ASN B 72 -9.32 -38.98 28.53
N GLY B 73 -8.20 -39.41 29.10
CA GLY B 73 -7.03 -38.56 29.20
C GLY B 73 -7.25 -37.35 30.09
N MET B 74 -6.45 -36.31 29.86
CA MET B 74 -6.51 -35.10 30.67
C MET B 74 -7.84 -34.36 30.50
N VAL B 75 -8.44 -34.48 29.32
CA VAL B 75 -9.72 -33.86 29.05
C VAL B 75 -10.81 -34.48 29.93
N GLY B 76 -10.74 -35.80 30.10
CA GLY B 76 -11.68 -36.50 30.95
C GLY B 76 -11.58 -36.08 32.39
N GLU B 77 -10.35 -35.86 32.85
CA GLU B 77 -10.12 -35.45 34.23
C GLU B 77 -10.65 -34.04 34.50
N LEU B 78 -10.81 -33.26 33.44
CA LEU B 78 -11.33 -31.90 33.58
C LEU B 78 -12.84 -31.85 33.53
N VAL B 79 -13.44 -32.65 32.64
CA VAL B 79 -14.88 -32.64 32.45
C VAL B 79 -15.63 -33.39 33.55
N TYR B 80 -14.93 -34.27 34.27
CA TYR B 80 -15.57 -35.09 35.29
C TYR B 80 -15.19 -34.69 36.71
N GLY B 81 -14.36 -33.66 36.83
CA GLY B 81 -14.02 -33.11 38.13
C GLY B 81 -12.90 -33.84 38.86
N LYS B 82 -11.91 -34.33 38.11
CA LYS B 82 -10.77 -35.01 38.69
C LYS B 82 -9.56 -34.08 38.81
N ALA B 83 -9.61 -32.97 38.07
CA ALA B 83 -8.51 -32.01 38.07
C ALA B 83 -9.02 -30.58 37.89
N ASP B 84 -8.24 -29.62 38.36
CA ASP B 84 -8.63 -28.22 38.31
C ASP B 84 -8.08 -27.50 37.09
N ILE B 85 -6.98 -28.01 36.54
CA ILE B 85 -6.34 -27.39 35.38
C ILE B 85 -5.37 -28.34 34.71
N ALA B 86 -5.28 -28.25 33.39
CA ALA B 86 -4.38 -29.11 32.61
C ALA B 86 -3.27 -28.30 31.96
N ILE B 87 -2.05 -28.50 32.43
CA ILE B 87 -0.89 -27.83 31.86
C ILE B 87 -0.03 -28.83 31.09
N ALA B 88 -0.24 -28.88 29.78
CA ALA B 88 0.43 -29.87 28.93
C ALA B 88 0.29 -29.49 27.46
N PRO B 89 1.04 -30.18 26.59
CA PRO B 89 0.91 -29.95 25.14
C PRO B 89 -0.40 -30.47 24.60
N LEU B 90 -1.51 -29.89 25.06
CA LEU B 90 -2.84 -30.30 24.63
C LEU B 90 -3.33 -29.39 23.50
N THR B 91 -3.42 -29.92 22.30
CA THR B 91 -3.80 -29.14 21.13
C THR B 91 -5.24 -28.65 21.21
N ILE B 92 -5.44 -27.39 20.88
CA ILE B 92 -6.77 -26.78 20.89
C ILE B 92 -7.58 -27.25 19.69
N THR B 93 -8.66 -27.97 19.96
CA THR B 93 -9.52 -28.47 18.89
C THR B 93 -10.98 -28.11 19.14
N TYR B 94 -11.79 -28.24 18.08
CA TYR B 94 -13.20 -27.89 18.15
C TYR B 94 -13.95 -28.71 19.20
N VAL B 95 -13.86 -30.04 19.09
CA VAL B 95 -14.58 -30.94 19.98
C VAL B 95 -14.18 -30.75 21.44
N ARG B 96 -12.90 -30.53 21.68
CA ARG B 96 -12.40 -30.31 23.03
C ARG B 96 -12.84 -28.96 23.58
N GLU B 97 -12.92 -27.97 22.69
CA GLU B 97 -13.35 -26.64 23.09
C GLU B 97 -14.81 -26.64 23.54
N GLU B 98 -15.59 -27.59 23.01
CA GLU B 98 -17.00 -27.69 23.34
C GLU B 98 -17.25 -28.20 24.76
N VAL B 99 -16.25 -28.85 25.36
CA VAL B 99 -16.43 -29.47 26.66
C VAL B 99 -15.54 -28.85 27.75
N ILE B 100 -14.46 -28.18 27.33
CA ILE B 100 -13.57 -27.52 28.27
C ILE B 100 -13.14 -26.16 27.76
N ASP B 101 -12.65 -25.32 28.66
CA ASP B 101 -12.17 -24.00 28.29
C ASP B 101 -10.67 -24.01 28.03
N PHE B 102 -10.25 -23.43 26.91
CA PHE B 102 -8.84 -23.32 26.57
C PHE B 102 -8.36 -21.89 26.70
N SER B 103 -7.09 -21.74 27.11
CA SER B 103 -6.45 -20.43 27.11
C SER B 103 -5.88 -20.18 25.73
N LYS B 104 -5.41 -18.96 25.49
CA LYS B 104 -4.73 -18.65 24.24
C LYS B 104 -3.47 -19.49 24.14
N PRO B 105 -3.11 -19.91 22.92
CA PRO B 105 -1.97 -20.79 22.69
C PRO B 105 -0.68 -20.29 23.35
N PHE B 106 0.01 -21.18 24.06
CA PHE B 106 1.29 -20.84 24.65
C PHE B 106 2.43 -21.35 23.76
N MET B 107 2.07 -22.15 22.78
CA MET B 107 3.03 -22.66 21.80
C MET B 107 2.33 -22.98 20.49
N SER B 108 2.99 -22.69 19.38
CA SER B 108 2.42 -22.94 18.06
C SER B 108 3.13 -24.10 17.37
N LEU B 109 2.39 -24.82 16.52
CA LEU B 109 2.93 -25.99 15.85
C LEU B 109 2.08 -26.42 14.66
N GLY B 110 2.49 -27.49 14.00
CA GLY B 110 1.77 -28.02 12.87
C GLY B 110 2.34 -29.35 12.41
N ILE B 111 1.61 -30.03 11.52
CA ILE B 111 2.05 -31.31 10.99
C ILE B 111 3.34 -31.15 10.18
N SER B 112 4.36 -31.92 10.55
CA SER B 112 5.64 -31.86 9.86
C SER B 112 6.08 -33.25 9.42
N ILE B 113 7.19 -33.31 8.67
CA ILE B 113 7.71 -34.57 8.15
C ILE B 113 9.04 -34.93 8.81
N MET B 114 9.10 -36.12 9.40
CA MET B 114 10.34 -36.62 9.97
C MET B 114 10.93 -37.73 9.12
N ILE B 115 12.21 -37.61 8.81
CA ILE B 115 12.92 -38.61 8.03
C ILE B 115 14.30 -38.87 8.61
N LYS B 116 14.87 -40.03 8.30
CA LYS B 116 16.25 -40.31 8.67
C LYS B 116 17.17 -39.53 7.74
N LYS B 117 18.22 -38.94 8.31
CA LYS B 117 19.14 -38.11 7.54
C LYS B 117 19.74 -38.91 6.38
N GLY B 118 19.70 -38.32 5.19
CA GLY B 118 20.19 -38.98 3.99
C GLY B 118 19.07 -39.23 2.99
N THR B 119 17.85 -39.37 3.52
CA THR B 119 16.67 -39.61 2.69
C THR B 119 16.44 -38.46 1.71
N PRO B 120 16.19 -38.80 0.44
CA PRO B 120 15.94 -37.81 -0.61
C PRO B 120 14.51 -37.27 -0.58
N ILE B 121 14.09 -36.72 0.55
CA ILE B 121 12.76 -36.12 0.68
C ILE B 121 12.87 -34.71 1.25
N GLU B 122 12.12 -33.78 0.69
CA GLU B 122 12.19 -32.38 1.10
C GLU B 122 10.82 -31.78 1.40
N SER B 123 9.76 -32.43 0.93
CA SER B 123 8.41 -31.91 1.13
C SER B 123 7.36 -33.00 1.05
N ALA B 124 6.12 -32.64 1.39
CA ALA B 124 5.01 -33.57 1.32
C ALA B 124 4.74 -33.99 -0.12
N GLU B 125 4.99 -33.07 -1.04
CA GLU B 125 4.82 -33.34 -2.47
C GLU B 125 5.77 -34.43 -2.92
N ASP B 126 7.01 -34.36 -2.46
CA ASP B 126 8.02 -35.36 -2.81
C ASP B 126 7.55 -36.77 -2.44
N LEU B 127 6.89 -36.89 -1.30
CA LEU B 127 6.37 -38.18 -0.84
C LEU B 127 5.23 -38.68 -1.72
N SER B 128 4.28 -37.81 -1.99
CA SER B 128 3.08 -38.19 -2.74
C SER B 128 3.39 -38.67 -4.15
N LYS B 129 4.57 -38.31 -4.65
CA LYS B 129 4.95 -38.64 -6.03
C LYS B 129 5.72 -39.95 -6.11
N GLN B 130 6.10 -40.50 -4.96
CA GLN B 130 6.88 -41.74 -4.93
C GLN B 130 6.29 -42.75 -3.96
N THR B 131 6.84 -43.95 -3.95
CA THR B 131 6.35 -45.02 -3.08
C THR B 131 7.47 -45.82 -2.44
N GLU B 132 8.65 -45.80 -3.06
CA GLU B 132 9.81 -46.51 -2.53
C GLU B 132 10.03 -46.15 -1.07
N ILE B 133 9.80 -44.88 -0.74
CA ILE B 133 9.93 -44.40 0.63
C ILE B 133 8.55 -44.32 1.28
N ALA B 134 8.16 -45.38 1.98
CA ALA B 134 6.86 -45.43 2.64
C ALA B 134 6.73 -44.31 3.66
N TYR B 135 5.49 -43.93 3.96
CA TYR B 135 5.23 -42.87 4.93
C TYR B 135 3.86 -43.03 5.57
N GLY B 136 3.76 -42.70 6.85
CA GLY B 136 2.51 -42.82 7.57
C GLY B 136 2.43 -41.91 8.79
N THR B 137 1.34 -42.03 9.53
CA THR B 137 1.11 -41.23 10.72
C THR B 137 0.62 -42.10 11.86
N LEU B 138 0.37 -41.48 13.01
CA LEU B 138 -0.23 -42.18 14.14
C LEU B 138 -1.60 -42.69 13.72
N ASP B 139 -1.95 -43.90 14.18
CA ASP B 139 -3.21 -44.52 13.78
C ASP B 139 -4.44 -43.78 14.32
N SER B 140 -4.19 -42.69 15.03
CA SER B 140 -5.27 -41.87 15.56
C SER B 140 -4.76 -40.47 15.92
N GLY B 141 -5.67 -39.51 16.00
CA GLY B 141 -5.31 -38.15 16.33
C GLY B 141 -5.60 -37.18 15.21
N SER B 142 -5.41 -35.89 15.49
CA SER B 142 -5.68 -34.85 14.51
C SER B 142 -4.80 -34.98 13.27
N THR B 143 -3.61 -35.55 13.46
CA THR B 143 -2.67 -35.72 12.35
C THR B 143 -3.24 -36.63 11.27
N LYS B 144 -3.86 -37.72 11.69
CA LYS B 144 -4.43 -38.68 10.77
C LYS B 144 -5.67 -38.13 10.08
N GLU B 145 -6.65 -37.70 10.88
CA GLU B 145 -7.91 -37.18 10.35
C GLU B 145 -7.69 -35.96 9.45
N PHE B 146 -6.54 -35.32 9.59
CA PHE B 146 -6.18 -34.20 8.73
C PHE B 146 -6.16 -34.64 7.27
N PHE B 147 -5.40 -35.68 6.99
CA PHE B 147 -5.29 -36.21 5.62
C PHE B 147 -6.60 -36.86 5.18
N ARG B 148 -7.28 -37.51 6.12
CA ARG B 148 -8.51 -38.22 5.82
C ARG B 148 -9.62 -37.27 5.38
N ARG B 149 -9.72 -36.12 6.04
CA ARG B 149 -10.77 -35.15 5.73
C ARG B 149 -10.24 -33.98 4.91
N SER B 150 -9.10 -34.17 4.25
CA SER B 150 -8.48 -33.12 3.44
C SER B 150 -8.99 -33.18 2.01
N LYS B 151 -9.55 -32.07 1.55
CA LYS B 151 -10.03 -31.97 0.18
C LYS B 151 -8.95 -31.45 -0.75
N ILE B 152 -7.70 -31.52 -0.28
CA ILE B 152 -6.55 -31.13 -1.09
C ILE B 152 -5.89 -32.36 -1.68
N CYS B 153 -5.64 -32.32 -2.99
CA CYS B 153 -5.24 -33.50 -3.75
C CYS B 153 -3.90 -34.07 -3.31
N VAL B 154 -2.98 -33.20 -2.92
CA VAL B 154 -1.69 -33.66 -2.41
C VAL B 154 -1.90 -34.52 -1.17
N PHE B 155 -2.68 -34.02 -0.23
CA PHE B 155 -2.95 -34.74 1.00
C PHE B 155 -3.99 -35.83 0.79
N ASP B 156 -4.81 -35.65 -0.24
CA ASP B 156 -5.80 -36.66 -0.61
C ASP B 156 -5.10 -37.86 -1.24
N LYS B 157 -4.07 -37.59 -2.02
CA LYS B 157 -3.29 -38.64 -2.66
C LYS B 157 -2.44 -39.37 -1.62
N MET B 158 -1.81 -38.59 -0.73
CA MET B 158 -1.06 -39.17 0.37
C MET B 158 -1.97 -40.02 1.25
N TRP B 159 -3.18 -39.53 1.47
CA TRP B 159 -4.16 -40.27 2.26
C TRP B 159 -4.61 -41.53 1.55
N THR B 160 -4.82 -41.44 0.24
CA THR B 160 -5.21 -42.60 -0.55
C THR B 160 -4.15 -43.69 -0.45
N TYR B 161 -2.89 -43.28 -0.46
CA TYR B 161 -1.78 -44.21 -0.32
C TYR B 161 -1.77 -44.85 1.08
N MET B 162 -1.74 -44.01 2.10
CA MET B 162 -1.71 -44.48 3.48
C MET B 162 -2.88 -45.41 3.78
N ARG B 163 -4.08 -45.02 3.35
CA ARG B 163 -5.27 -45.82 3.58
C ARG B 163 -5.11 -47.23 3.03
N SER B 164 -4.56 -47.34 1.82
CA SER B 164 -4.32 -48.64 1.21
C SER B 164 -2.83 -48.91 1.04
N ALA B 165 -2.23 -49.50 2.07
CA ALA B 165 -0.80 -49.81 2.04
C ALA B 165 -0.51 -51.14 2.74
N GLU B 166 0.47 -51.87 2.20
CA GLU B 166 0.86 -53.16 2.76
C GLU B 166 2.38 -53.26 2.84
N PRO B 167 2.92 -53.44 4.05
CA PRO B 167 2.16 -53.51 5.32
C PRO B 167 1.64 -52.14 5.74
N SER B 168 0.99 -52.09 6.90
CA SER B 168 0.44 -50.85 7.41
C SER B 168 1.52 -49.80 7.68
N VAL B 169 1.23 -48.55 7.34
CA VAL B 169 2.17 -47.46 7.57
C VAL B 169 1.77 -46.66 8.81
N PHE B 170 0.74 -47.13 9.50
CA PHE B 170 0.28 -46.47 10.72
C PHE B 170 0.93 -47.09 11.94
N VAL B 171 1.13 -46.28 12.98
CA VAL B 171 1.78 -46.75 14.20
C VAL B 171 0.85 -46.62 15.41
N ARG B 172 1.11 -47.43 16.43
CA ARG B 172 0.32 -47.40 17.66
C ARG B 172 0.63 -46.16 18.49
N THR B 173 1.91 -45.86 18.65
CA THR B 173 2.33 -44.70 19.43
C THR B 173 3.37 -43.87 18.68
N THR B 174 3.67 -42.69 19.21
CA THR B 174 4.66 -41.80 18.62
C THR B 174 6.06 -42.38 18.71
N ALA B 175 6.44 -42.87 19.88
CA ALA B 175 7.74 -43.50 20.06
C ALA B 175 7.95 -44.60 19.04
N GLU B 176 6.86 -45.26 18.66
CA GLU B 176 6.91 -46.32 17.67
C GLU B 176 7.19 -45.75 16.28
N GLY B 177 6.53 -44.65 15.96
CA GLY B 177 6.72 -43.99 14.68
C GLY B 177 8.13 -43.46 14.51
N VAL B 178 8.67 -42.84 15.55
CA VAL B 178 10.02 -42.31 15.53
C VAL B 178 11.03 -43.44 15.36
N ALA B 179 10.84 -44.51 16.12
CA ALA B 179 11.73 -45.67 16.06
C ALA B 179 11.70 -46.30 14.67
N ARG B 180 10.52 -46.36 14.08
CA ARG B 180 10.36 -46.95 12.76
C ARG B 180 11.21 -46.23 11.72
N VAL B 181 11.30 -44.91 11.84
CA VAL B 181 12.11 -44.11 10.93
C VAL B 181 13.59 -44.44 11.09
N ARG B 182 14.02 -44.63 12.33
CA ARG B 182 15.42 -44.92 12.63
C ARG B 182 15.81 -46.34 12.24
N LYS B 183 14.83 -47.24 12.18
CA LYS B 183 15.10 -48.65 11.92
C LYS B 183 14.80 -49.05 10.47
N SER B 184 14.00 -48.26 9.77
CA SER B 184 13.65 -48.56 8.39
C SER B 184 14.77 -48.16 7.42
N LYS B 185 15.95 -47.91 7.96
CA LYS B 185 17.13 -47.57 7.16
C LYS B 185 16.83 -46.65 5.97
N GLY B 186 16.12 -45.56 6.24
CA GLY B 186 15.85 -44.57 5.21
C GLY B 186 14.79 -44.98 4.20
N LYS B 187 13.85 -45.80 4.63
CA LYS B 187 12.79 -46.26 3.74
C LYS B 187 11.41 -45.90 4.28
N TYR B 188 11.39 -45.08 5.32
CA TYR B 188 10.13 -44.69 5.95
C TYR B 188 10.17 -43.25 6.46
N ALA B 189 9.06 -42.53 6.24
CA ALA B 189 8.94 -41.15 6.70
C ALA B 189 7.73 -41.02 7.63
N TYR B 190 7.93 -40.34 8.75
CA TYR B 190 6.88 -40.22 9.76
C TYR B 190 6.32 -38.80 9.83
N LEU B 191 5.00 -38.68 9.77
CA LEU B 191 4.33 -37.39 9.86
C LEU B 191 3.78 -37.16 11.26
N LEU B 192 4.29 -36.13 11.93
CA LEU B 192 3.90 -35.85 13.31
C LEU B 192 3.89 -34.36 13.60
N GLU B 193 3.64 -34.02 14.87
CA GLU B 193 3.66 -32.63 15.30
C GLU B 193 5.07 -32.06 15.20
N SER B 194 5.17 -30.83 14.69
CA SER B 194 6.46 -30.19 14.49
C SER B 194 7.27 -30.08 15.78
N THR B 195 6.58 -29.77 16.88
CA THR B 195 7.23 -29.61 18.18
C THR B 195 8.03 -30.85 18.57
N MET B 196 7.44 -32.02 18.34
CA MET B 196 8.09 -33.27 18.66
C MET B 196 9.20 -33.56 17.66
N ASN B 197 8.92 -33.31 16.38
CA ASN B 197 9.87 -33.56 15.31
C ASN B 197 11.20 -32.83 15.54
N GLU B 198 11.13 -31.59 15.99
CA GLU B 198 12.32 -30.77 16.18
C GLU B 198 12.99 -31.04 17.52
N TYR B 199 12.30 -31.75 18.40
CA TYR B 199 12.87 -32.14 19.67
C TYR B 199 13.70 -33.42 19.50
N ILE B 200 13.15 -34.37 18.76
CA ILE B 200 13.84 -35.62 18.46
C ILE B 200 15.09 -35.34 17.63
N GLU B 201 14.99 -34.33 16.77
CA GLU B 201 16.10 -33.93 15.92
C GLU B 201 17.29 -33.47 16.75
N GLN B 202 17.04 -33.20 18.03
CA GLN B 202 18.07 -32.71 18.93
C GLN B 202 18.47 -33.77 19.97
N ARG B 203 18.07 -35.01 19.73
CA ARG B 203 18.39 -36.11 20.64
C ARG B 203 19.22 -37.17 19.94
N LYS B 204 20.13 -37.80 20.69
CA LYS B 204 20.94 -38.89 20.16
C LYS B 204 20.03 -40.02 19.66
N PRO B 205 20.50 -40.77 18.64
CA PRO B 205 21.81 -40.63 18.01
C PRO B 205 21.87 -39.49 16.99
N CYS B 206 20.83 -38.65 16.95
CA CYS B 206 20.80 -37.52 16.03
C CYS B 206 20.90 -37.98 14.58
N ASP B 207 20.07 -38.96 14.22
CA ASP B 207 20.09 -39.50 12.86
C ASP B 207 18.82 -39.15 12.09
N THR B 208 18.05 -38.21 12.62
CA THR B 208 16.82 -37.76 11.98
C THR B 208 16.78 -36.25 11.87
N MET B 209 15.92 -35.73 11.00
CA MET B 209 15.77 -34.29 10.83
C MET B 209 14.39 -33.94 10.29
N LYS B 210 13.95 -32.71 10.55
CA LYS B 210 12.67 -32.23 10.05
C LYS B 210 12.84 -31.62 8.66
N VAL B 211 11.95 -31.97 7.74
CA VAL B 211 12.02 -31.46 6.38
C VAL B 211 10.71 -30.82 5.95
N GLY B 212 10.83 -29.78 5.10
CA GLY B 212 9.66 -29.08 4.61
C GLY B 212 8.98 -28.25 5.68
N GLY B 213 8.01 -27.44 5.26
CA GLY B 213 7.25 -26.63 6.20
C GLY B 213 6.07 -27.38 6.76
N ASN B 214 5.35 -26.76 7.69
CA ASN B 214 4.19 -27.39 8.30
C ASN B 214 3.02 -27.50 7.33
N LEU B 215 2.28 -28.59 7.43
CA LEU B 215 1.15 -28.83 6.54
C LEU B 215 -0.12 -28.15 7.05
N ASP B 216 -0.08 -27.71 8.30
CA ASP B 216 -1.21 -27.00 8.91
C ASP B 216 -0.77 -26.19 10.12
N SER B 217 -1.73 -25.73 10.90
CA SER B 217 -1.43 -24.91 12.07
C SER B 217 -2.31 -25.24 13.26
N LYS B 218 -1.68 -25.77 14.31
CA LYS B 218 -2.38 -26.09 15.56
C LYS B 218 -1.75 -25.30 16.70
N GLY B 219 -2.31 -25.46 17.89
CA GLY B 219 -1.79 -24.75 19.06
C GLY B 219 -2.01 -25.48 20.38
N TYR B 220 -0.99 -25.46 21.22
CA TYR B 220 -1.10 -26.01 22.56
C TYR B 220 -1.70 -24.97 23.50
N GLY B 221 -2.65 -25.40 24.33
CA GLY B 221 -3.30 -24.48 25.25
C GLY B 221 -3.53 -25.07 26.62
N ILE B 222 -3.52 -24.20 27.63
CA ILE B 222 -3.83 -24.62 29.00
C ILE B 222 -5.34 -24.74 29.17
N ALA B 223 -5.80 -25.93 29.55
CA ALA B 223 -7.23 -26.20 29.62
C ALA B 223 -7.76 -26.20 31.05
N THR B 224 -8.96 -25.66 31.22
CA THR B 224 -9.65 -25.66 32.51
C THR B 224 -11.11 -26.07 32.33
N PRO B 225 -11.72 -26.63 33.37
CA PRO B 225 -13.12 -27.06 33.29
C PRO B 225 -14.02 -25.94 32.80
N LYS B 226 -14.99 -26.27 31.95
CA LYS B 226 -15.90 -25.28 31.39
C LYS B 226 -16.59 -24.47 32.48
N GLY B 227 -16.36 -23.16 32.48
CA GLY B 227 -16.99 -22.27 33.44
C GLY B 227 -16.11 -21.95 34.63
N SER B 228 -14.93 -22.56 34.67
CA SER B 228 -13.99 -22.33 35.77
C SER B 228 -13.62 -20.86 35.89
N SER B 229 -13.58 -20.37 37.13
CA SER B 229 -13.20 -18.99 37.39
C SER B 229 -11.69 -18.82 37.22
N LEU B 230 -10.99 -19.94 37.14
CA LEU B 230 -9.54 -19.94 37.04
C LEU B 230 -9.08 -19.60 35.62
N GLY B 231 -9.91 -19.92 34.64
CA GLY B 231 -9.57 -19.74 33.24
C GLY B 231 -9.13 -18.33 32.87
N ASN B 232 -9.80 -17.34 33.45
CA ASN B 232 -9.49 -15.95 33.16
C ASN B 232 -8.05 -15.58 33.47
N ALA B 233 -7.67 -15.69 34.74
CA ALA B 233 -6.32 -15.33 35.18
C ALA B 233 -5.27 -16.12 34.42
N VAL B 234 -5.49 -17.42 34.27
CA VAL B 234 -4.56 -18.29 33.56
C VAL B 234 -4.32 -17.79 32.14
N ASN B 235 -5.40 -17.45 31.44
CA ASN B 235 -5.33 -16.96 30.08
C ASN B 235 -4.43 -15.73 29.97
N LEU B 236 -4.65 -14.77 30.86
CA LEU B 236 -3.84 -13.54 30.88
C LEU B 236 -2.39 -13.85 31.23
N ALA B 237 -2.18 -14.86 32.05
CA ALA B 237 -0.84 -15.27 32.44
C ALA B 237 -0.04 -15.71 31.22
N VAL B 238 -0.67 -16.52 30.38
CA VAL B 238 -0.02 -17.02 29.17
C VAL B 238 0.36 -15.87 28.25
N LEU B 239 -0.57 -14.95 28.01
CA LEU B 239 -0.31 -13.80 27.16
C LEU B 239 0.80 -12.94 27.74
N LYS B 240 0.83 -12.84 29.07
CA LYS B 240 1.84 -12.04 29.75
C LYS B 240 3.21 -12.69 29.66
N LEU B 241 3.25 -14.01 29.84
CA LEU B 241 4.49 -14.76 29.75
C LEU B 241 5.06 -14.69 28.33
N ASN B 242 4.17 -14.78 27.34
CA ASN B 242 4.58 -14.71 25.95
C ASN B 242 5.20 -13.36 25.60
N GLU B 243 4.54 -12.28 26.02
CA GLU B 243 5.00 -10.94 25.71
C GLU B 243 6.32 -10.61 26.42
N GLN B 244 6.72 -11.47 27.34
CA GLN B 244 7.99 -11.32 28.03
C GLN B 244 9.04 -12.28 27.47
N GLY B 245 8.69 -12.92 26.36
CA GLY B 245 9.60 -13.84 25.70
C GLY B 245 9.97 -15.02 26.58
N LEU B 246 9.12 -15.33 27.54
CA LEU B 246 9.38 -16.43 28.47
C LEU B 246 9.07 -17.77 27.82
N LEU B 247 8.03 -17.81 27.00
CA LEU B 247 7.65 -19.03 26.30
C LEU B 247 8.72 -19.43 25.29
N ASP B 248 9.34 -18.43 24.67
CA ASP B 248 10.44 -18.68 23.74
C ASP B 248 11.67 -19.12 24.51
N LYS B 249 11.91 -18.49 25.65
CA LYS B 249 13.04 -18.82 26.51
C LYS B 249 12.92 -20.26 27.01
N LEU B 250 11.72 -20.63 27.42
CA LEU B 250 11.45 -21.99 27.89
C LEU B 250 11.66 -22.99 26.76
N LYS B 251 11.14 -22.65 25.58
CA LYS B 251 11.31 -23.49 24.39
C LYS B 251 12.79 -23.74 24.12
N ASN B 252 13.50 -22.67 23.81
CA ASN B 252 14.94 -22.73 23.55
C ASN B 252 15.68 -23.57 24.58
N LYS B 253 15.31 -23.40 25.85
CA LYS B 253 15.95 -24.11 26.94
C LYS B 253 15.83 -25.62 26.80
N TRP B 254 14.61 -26.12 26.78
CA TRP B 254 14.36 -27.56 26.79
C TRP B 254 14.56 -28.21 25.41
N TRP B 255 14.68 -27.39 24.38
CA TRP B 255 14.85 -27.91 23.02
C TRP B 255 16.30 -27.87 22.55
N TYR B 256 17.03 -26.84 22.94
CA TYR B 256 18.37 -26.63 22.40
C TYR B 256 19.46 -26.53 23.48
N ASP B 257 19.23 -25.71 24.50
CA ASP B 257 20.20 -25.58 25.58
C ASP B 257 20.47 -26.93 26.24
N LYS B 258 19.43 -27.74 26.35
CA LYS B 258 19.58 -29.09 26.89
C LYS B 258 19.59 -30.12 25.75
N GLY B 259 19.93 -29.65 24.55
CA GLY B 259 20.02 -30.52 23.39
C GLY B 259 21.33 -31.28 23.34
N GLU B 260 21.36 -32.35 22.56
CA GLU B 260 22.54 -33.19 22.46
C GLU B 260 23.22 -33.05 21.09
N CYS B 261 22.88 -31.97 20.37
CA CYS B 261 23.48 -31.69 19.07
C CYS B 261 23.75 -30.20 18.93
N ASN C 3 15.35 34.89 5.67
CA ASN C 3 14.14 34.32 5.10
C ASN C 3 13.93 32.86 5.50
N LYS C 4 12.68 32.49 5.74
CA LYS C 4 12.34 31.13 6.12
C LYS C 4 11.30 30.54 5.17
N THR C 5 11.06 29.24 5.31
CA THR C 5 10.07 28.57 4.47
C THR C 5 8.65 28.86 4.95
N VAL C 6 7.76 29.13 4.00
CA VAL C 6 6.37 29.45 4.34
C VAL C 6 5.56 28.18 4.60
N VAL C 7 4.99 28.08 5.80
CA VAL C 7 4.18 26.93 6.17
C VAL C 7 2.75 27.09 5.65
N VAL C 8 2.40 26.30 4.65
CA VAL C 8 1.07 26.36 4.04
C VAL C 8 0.15 25.27 4.60
N THR C 9 -0.82 25.68 5.41
CA THR C 9 -1.79 24.75 5.95
C THR C 9 -2.95 24.54 4.98
N THR C 10 -3.47 23.33 4.94
CA THR C 10 -4.58 23.00 4.05
C THR C 10 -5.35 21.79 4.57
N ILE C 11 -6.43 21.43 3.88
CA ILE C 11 -7.30 20.34 4.30
C ILE C 11 -7.60 19.37 3.16
N LEU C 12 -7.56 18.08 3.44
CA LEU C 12 -7.82 17.06 2.43
C LEU C 12 -9.27 17.07 1.96
N GLU C 13 -9.61 18.03 1.11
CA GLU C 13 -10.95 18.12 0.54
C GLU C 13 -10.85 18.04 -0.98
N SER C 14 -11.44 16.99 -1.55
CA SER C 14 -11.40 16.77 -2.99
C SER C 14 -12.26 17.80 -3.73
N PRO C 15 -11.78 18.26 -4.89
CA PRO C 15 -10.49 17.90 -5.47
C PRO C 15 -9.45 18.99 -5.25
N TYR C 16 -9.62 19.80 -4.21
CA TYR C 16 -8.72 20.91 -3.92
C TYR C 16 -7.32 20.40 -3.56
N VAL C 17 -7.28 19.36 -2.75
CA VAL C 17 -6.03 18.72 -2.38
C VAL C 17 -6.25 17.28 -1.96
N MET C 18 -5.65 16.36 -2.71
CA MET C 18 -5.84 14.93 -2.50
C MET C 18 -4.50 14.20 -2.53
N MET C 19 -4.45 13.03 -1.90
CA MET C 19 -3.24 12.22 -1.90
C MET C 19 -3.08 11.51 -3.25
N LYS C 20 -1.85 11.48 -3.74
CA LYS C 20 -1.56 10.78 -5.00
C LYS C 20 -1.64 9.27 -4.80
N LYS C 21 -1.53 8.53 -5.90
CA LYS C 21 -1.61 7.08 -5.86
C LYS C 21 -0.50 6.50 -4.97
N ASN C 22 0.74 6.62 -5.42
CA ASN C 22 1.88 6.20 -4.62
C ASN C 22 2.55 7.38 -3.94
N HIS C 23 1.96 7.88 -2.87
CA HIS C 23 2.47 9.06 -2.19
C HIS C 23 3.51 8.72 -1.13
N GLU C 24 3.53 7.45 -0.71
CA GLU C 24 4.53 7.00 0.25
C GLU C 24 5.92 6.98 -0.39
N MET C 25 5.97 6.63 -1.68
CA MET C 25 7.21 6.64 -2.42
C MET C 25 7.65 8.05 -2.74
N LEU C 26 6.71 8.99 -2.65
CA LEU C 26 7.00 10.39 -2.92
C LEU C 26 7.42 11.12 -1.65
N GLU C 27 7.71 12.40 -1.78
CA GLU C 27 8.22 13.18 -0.66
C GLU C 27 8.06 14.68 -0.88
N GLY C 28 7.76 15.41 0.19
CA GLY C 28 7.57 16.84 0.12
C GLY C 28 6.22 17.22 -0.43
N ASN C 29 6.18 18.31 -1.20
CA ASN C 29 4.94 18.80 -1.78
C ASN C 29 4.49 17.98 -2.99
N GLU C 30 5.34 17.05 -3.41
CA GLU C 30 5.04 16.20 -4.57
C GLU C 30 4.12 15.05 -4.18
N ARG C 31 3.75 14.98 -2.90
CA ARG C 31 2.87 13.93 -2.42
C ARG C 31 1.40 14.25 -2.70
N TYR C 32 1.09 15.54 -2.77
CA TYR C 32 -0.29 15.99 -2.93
C TYR C 32 -0.59 16.42 -4.35
N GLU C 33 -1.88 16.57 -4.66
CA GLU C 33 -2.34 17.03 -5.95
C GLU C 33 -3.75 17.59 -5.85
N GLY C 34 -4.08 18.54 -6.71
CA GLY C 34 -5.42 19.12 -6.70
C GLY C 34 -5.45 20.61 -6.99
N TYR C 35 -6.66 21.16 -7.03
CA TYR C 35 -6.87 22.57 -7.33
C TYR C 35 -5.96 23.47 -6.50
N CYS C 36 -6.14 23.43 -5.18
CA CYS C 36 -5.35 24.27 -4.27
C CYS C 36 -3.86 23.96 -4.35
N VAL C 37 -3.53 22.72 -4.73
CA VAL C 37 -2.14 22.34 -4.89
C VAL C 37 -1.52 23.10 -6.05
N ASP C 38 -2.23 23.17 -7.17
CA ASP C 38 -1.80 23.95 -8.32
C ASP C 38 -1.80 25.44 -8.00
N LEU C 39 -2.84 25.88 -7.29
CA LEU C 39 -2.97 27.27 -6.91
C LEU C 39 -1.81 27.72 -6.03
N ALA C 40 -1.42 26.85 -5.11
CA ALA C 40 -0.32 27.15 -4.19
C ALA C 40 0.98 27.39 -4.96
N ALA C 41 1.18 26.62 -6.02
CA ALA C 41 2.38 26.76 -6.84
C ALA C 41 2.40 28.09 -7.57
N GLU C 42 1.24 28.49 -8.08
CA GLU C 42 1.11 29.75 -8.80
C GLU C 42 1.33 30.95 -7.87
N ILE C 43 0.67 30.92 -6.72
CA ILE C 43 0.78 32.00 -5.74
C ILE C 43 2.21 32.15 -5.25
N ALA C 44 2.83 31.04 -4.90
CA ALA C 44 4.20 31.06 -4.38
C ALA C 44 5.20 31.50 -5.46
N LYS C 45 4.89 31.18 -6.71
CA LYS C 45 5.77 31.53 -7.82
C LYS C 45 5.77 33.03 -8.09
N HIS C 46 4.61 33.65 -7.96
CA HIS C 46 4.48 35.10 -8.19
C HIS C 46 4.95 35.91 -7.00
N CYS C 47 4.68 35.43 -5.79
CA CYS C 47 5.12 36.11 -4.58
C CYS C 47 6.61 35.92 -4.36
N GLY C 48 7.14 34.80 -4.83
CA GLY C 48 8.56 34.51 -4.72
C GLY C 48 8.98 34.02 -3.36
N PHE C 49 8.58 32.80 -3.02
CA PHE C 49 8.97 32.18 -1.76
C PHE C 49 8.85 30.67 -1.81
N LYS C 50 9.59 29.99 -0.94
CA LYS C 50 9.49 28.54 -0.81
C LYS C 50 8.44 28.18 0.23
N TYR C 51 7.68 27.13 -0.05
CA TYR C 51 6.57 26.75 0.82
C TYR C 51 6.52 25.25 1.10
N LYS C 52 5.89 24.88 2.21
CA LYS C 52 5.72 23.48 2.55
C LYS C 52 4.26 23.19 2.91
N LEU C 53 3.63 22.30 2.16
CA LEU C 53 2.24 21.94 2.41
C LEU C 53 2.08 21.12 3.68
N THR C 54 1.07 21.46 4.46
CA THR C 54 0.74 20.70 5.67
C THR C 54 -0.76 20.51 5.76
N ILE C 55 -1.18 19.38 6.30
CA ILE C 55 -2.60 19.10 6.48
C ILE C 55 -3.03 19.44 7.89
N VAL C 56 -4.05 20.28 8.01
CA VAL C 56 -4.57 20.69 9.31
C VAL C 56 -4.83 19.47 10.20
N GLY C 57 -4.31 19.52 11.42
CA GLY C 57 -4.40 18.40 12.34
C GLY C 57 -5.79 17.85 12.54
N ASP C 58 -6.71 18.70 12.98
CA ASP C 58 -8.08 18.27 13.28
C ASP C 58 -8.93 18.12 12.01
N GLY C 59 -8.35 18.44 10.86
CA GLY C 59 -9.04 18.31 9.59
C GLY C 59 -10.31 19.14 9.51
N LYS C 60 -10.29 20.31 10.13
CA LYS C 60 -11.43 21.22 10.12
C LYS C 60 -11.07 22.53 9.43
N TYR C 61 -12.09 23.27 8.98
CA TYR C 61 -11.86 24.54 8.33
C TYR C 61 -11.55 25.64 9.34
N GLY C 62 -12.45 25.86 10.29
CA GLY C 62 -12.23 26.86 11.32
C GLY C 62 -13.49 27.43 11.93
N ALA C 63 -13.80 27.00 13.14
CA ALA C 63 -14.92 27.56 13.90
C ALA C 63 -14.46 27.90 15.31
N ARG C 64 -15.18 28.82 15.95
CA ARG C 64 -14.82 29.27 17.28
C ARG C 64 -15.72 28.67 18.34
N ASP C 65 -15.19 27.70 19.08
CA ASP C 65 -15.94 27.05 20.15
C ASP C 65 -16.44 28.08 21.15
N ALA C 66 -17.76 28.26 21.20
CA ALA C 66 -18.35 29.24 22.10
C ALA C 66 -18.09 28.91 23.57
N ASP C 67 -17.75 27.64 23.82
CA ASP C 67 -17.51 27.18 25.19
C ASP C 67 -16.16 27.64 25.74
N THR C 68 -15.16 27.67 24.87
CA THR C 68 -13.80 28.01 25.29
C THR C 68 -13.25 29.22 24.56
N LYS C 69 -14.01 29.73 23.59
CA LYS C 69 -13.59 30.86 22.78
C LYS C 69 -12.30 30.56 22.03
N ILE C 70 -12.09 29.29 21.70
CA ILE C 70 -10.89 28.86 21.00
C ILE C 70 -11.18 28.47 19.56
N TRP C 71 -10.34 28.93 18.64
CA TRP C 71 -10.49 28.62 17.22
C TRP C 71 -9.85 27.28 16.87
N ASN C 72 -10.52 26.52 16.00
CA ASN C 72 -9.99 25.25 15.55
C ASN C 72 -9.74 25.25 14.04
N GLY C 73 -9.37 24.09 13.50
CA GLY C 73 -9.14 23.95 12.08
C GLY C 73 -8.01 24.83 11.57
N MET C 74 -8.03 25.12 10.27
CA MET C 74 -7.00 25.94 9.65
C MET C 74 -6.97 27.35 10.24
N VAL C 75 -8.14 27.93 10.44
CA VAL C 75 -8.25 29.26 11.04
C VAL C 75 -7.49 29.31 12.36
N GLY C 76 -7.57 28.21 13.11
CA GLY C 76 -6.86 28.10 14.38
C GLY C 76 -5.36 28.15 14.20
N GLU C 77 -4.85 27.37 13.25
CA GLU C 77 -3.41 27.31 13.01
C GLU C 77 -2.83 28.65 12.60
N LEU C 78 -3.66 29.50 11.99
CA LEU C 78 -3.22 30.82 11.58
C LEU C 78 -3.17 31.80 12.74
N VAL C 79 -4.24 31.83 13.53
CA VAL C 79 -4.33 32.77 14.64
C VAL C 79 -3.33 32.47 15.75
N TYR C 80 -2.94 31.20 15.87
CA TYR C 80 -2.03 30.80 16.94
C TYR C 80 -0.59 30.58 16.45
N GLY C 81 -0.27 31.15 15.28
CA GLY C 81 1.09 31.17 14.77
C GLY C 81 1.68 29.81 14.41
N LYS C 82 0.83 28.86 14.04
CA LYS C 82 1.31 27.55 13.62
C LYS C 82 1.61 27.55 12.12
N ALA C 83 0.82 28.30 11.36
CA ALA C 83 1.01 28.40 9.92
C ALA C 83 1.13 29.85 9.48
N ASP C 84 1.71 30.07 8.30
CA ASP C 84 1.91 31.42 7.79
C ASP C 84 0.83 31.78 6.77
N ILE C 85 0.26 30.77 6.13
CA ILE C 85 -0.78 30.99 5.11
C ILE C 85 -1.67 29.76 4.99
N ALA C 86 -2.92 29.97 4.60
CA ALA C 86 -3.88 28.88 4.48
C ALA C 86 -4.52 28.85 3.09
N ILE C 87 -3.96 28.04 2.21
CA ILE C 87 -4.48 27.90 0.86
C ILE C 87 -5.45 26.73 0.77
N ALA C 88 -6.75 27.04 0.84
CA ALA C 88 -7.78 26.02 0.83
C ALA C 88 -9.13 26.65 0.56
N PRO C 89 -10.15 25.82 0.29
CA PRO C 89 -11.51 26.33 0.10
C PRO C 89 -12.10 26.83 1.42
N LEU C 90 -11.52 27.90 1.96
CA LEU C 90 -11.96 28.46 3.22
C LEU C 90 -12.95 29.60 2.97
N THR C 91 -14.23 29.35 3.25
CA THR C 91 -15.27 30.33 3.02
C THR C 91 -15.00 31.63 3.77
N ILE C 92 -15.18 32.75 3.08
CA ILE C 92 -15.01 34.05 3.70
C ILE C 92 -16.25 34.45 4.47
N THR C 93 -16.11 34.63 5.78
CA THR C 93 -17.23 34.99 6.63
C THR C 93 -16.88 36.13 7.58
N TYR C 94 -17.90 36.70 8.20
CA TYR C 94 -17.72 37.84 9.10
C TYR C 94 -16.89 37.44 10.32
N VAL C 95 -17.28 36.35 10.97
CA VAL C 95 -16.61 35.90 12.19
C VAL C 95 -15.12 35.64 11.97
N ARG C 96 -14.79 35.04 10.83
CA ARG C 96 -13.41 34.71 10.51
C ARG C 96 -12.60 35.95 10.12
N GLU C 97 -13.24 36.84 9.37
CA GLU C 97 -12.58 38.07 8.91
C GLU C 97 -12.10 38.91 10.08
N GLU C 98 -12.71 38.71 11.24
CA GLU C 98 -12.36 39.50 12.43
C GLU C 98 -11.05 39.03 13.08
N VAL C 99 -10.66 37.78 12.81
CA VAL C 99 -9.47 37.22 13.44
C VAL C 99 -8.34 36.94 12.45
N ILE C 100 -8.66 36.89 11.17
CA ILE C 100 -7.65 36.64 10.14
C ILE C 100 -7.85 37.54 8.92
N ASP C 101 -6.85 37.56 8.04
CA ASP C 101 -6.93 38.33 6.81
C ASP C 101 -7.22 37.45 5.61
N PHE C 102 -8.23 37.84 4.83
CA PHE C 102 -8.59 37.13 3.62
C PHE C 102 -8.19 37.92 2.38
N SER C 103 -7.77 37.21 1.33
CA SER C 103 -7.55 37.83 0.04
C SER C 103 -8.90 37.87 -0.68
N LYS C 104 -8.94 38.55 -1.81
CA LYS C 104 -10.17 38.57 -2.61
C LYS C 104 -10.50 37.15 -3.05
N PRO C 105 -11.79 36.81 -3.09
CA PRO C 105 -12.25 35.46 -3.44
C PRO C 105 -11.60 34.93 -4.72
N PHE C 106 -11.08 33.71 -4.65
CA PHE C 106 -10.51 33.08 -5.84
C PHE C 106 -11.52 32.14 -6.48
N MET C 107 -12.61 31.88 -5.77
CA MET C 107 -13.70 31.05 -6.28
C MET C 107 -15.02 31.43 -5.63
N SER C 108 -16.06 31.56 -6.45
CA SER C 108 -17.38 31.90 -5.95
C SER C 108 -18.27 30.68 -5.83
N LEU C 109 -19.18 30.70 -4.87
CA LEU C 109 -20.09 29.58 -4.64
C LEU C 109 -21.37 30.04 -3.95
N GLY C 110 -22.19 29.06 -3.56
CA GLY C 110 -23.44 29.35 -2.88
C GLY C 110 -24.17 28.08 -2.50
N ILE C 111 -25.02 28.17 -1.48
CA ILE C 111 -25.82 27.03 -1.03
C ILE C 111 -26.66 26.47 -2.17
N SER C 112 -26.46 25.20 -2.48
CA SER C 112 -27.21 24.54 -3.55
C SER C 112 -27.88 23.28 -3.02
N ILE C 113 -28.96 22.89 -3.68
CA ILE C 113 -29.72 21.71 -3.26
C ILE C 113 -29.31 20.48 -4.04
N MET C 114 -28.92 19.43 -3.31
CA MET C 114 -28.54 18.16 -3.92
C MET C 114 -29.60 17.10 -3.64
N ILE C 115 -30.16 16.53 -4.69
CA ILE C 115 -31.22 15.53 -4.54
C ILE C 115 -30.91 14.27 -5.32
N LYS C 116 -31.49 13.15 -4.88
CA LYS C 116 -31.40 11.90 -5.61
C LYS C 116 -32.02 12.10 -6.99
N LYS C 117 -31.35 11.59 -8.02
CA LYS C 117 -31.84 11.75 -9.38
C LYS C 117 -33.22 11.11 -9.55
N GLY C 118 -34.25 11.95 -9.61
CA GLY C 118 -35.62 11.48 -9.75
C GLY C 118 -36.56 12.13 -8.77
N THR C 119 -36.00 12.84 -7.79
CA THR C 119 -36.80 13.53 -6.79
C THR C 119 -37.66 14.62 -7.43
N PRO C 120 -38.97 14.61 -7.13
CA PRO C 120 -39.94 15.56 -7.67
C PRO C 120 -39.76 16.97 -7.13
N ILE C 121 -38.55 17.50 -7.17
CA ILE C 121 -38.26 18.84 -6.66
C ILE C 121 -37.26 19.56 -7.55
N GLU C 122 -37.49 20.84 -7.78
CA GLU C 122 -36.63 21.64 -8.65
C GLU C 122 -36.30 23.00 -8.06
N SER C 123 -36.77 23.24 -6.84
CA SER C 123 -36.52 24.51 -6.16
C SER C 123 -36.67 24.40 -4.65
N ALA C 124 -36.34 25.47 -3.95
CA ALA C 124 -36.45 25.49 -2.49
C ALA C 124 -37.90 25.61 -2.05
N GLU C 125 -38.72 26.29 -2.84
CA GLU C 125 -40.13 26.46 -2.52
C GLU C 125 -40.88 25.14 -2.67
N ASP C 126 -40.52 24.37 -3.69
CA ASP C 126 -41.05 23.02 -3.86
C ASP C 126 -40.74 22.23 -2.59
N LEU C 127 -39.54 22.47 -2.05
CA LEU C 127 -39.07 21.78 -0.86
C LEU C 127 -39.79 22.31 0.38
N SER C 128 -40.43 23.46 0.24
CA SER C 128 -41.13 24.09 1.36
C SER C 128 -42.61 23.67 1.41
N LYS C 129 -43.25 23.69 0.25
CA LYS C 129 -44.69 23.41 0.16
C LYS C 129 -45.00 21.92 0.29
N GLN C 130 -44.09 21.17 0.91
CA GLN C 130 -44.29 19.74 1.12
C GLN C 130 -43.46 19.24 2.31
N THR C 131 -43.76 18.03 2.77
CA THR C 131 -43.08 17.47 3.92
C THR C 131 -42.75 15.99 3.71
N GLU C 132 -43.18 15.44 2.58
CA GLU C 132 -42.95 14.04 2.27
C GLU C 132 -41.46 13.75 2.07
N ILE C 133 -40.76 14.72 1.49
CA ILE C 133 -39.33 14.60 1.26
C ILE C 133 -38.54 15.42 2.28
N ALA C 134 -37.75 14.73 3.10
CA ALA C 134 -37.00 15.36 4.18
C ALA C 134 -35.82 16.16 3.65
N TYR C 135 -35.73 17.43 4.04
CA TYR C 135 -34.61 18.28 3.65
C TYR C 135 -33.81 18.70 4.88
N GLY C 136 -32.51 18.45 4.84
CA GLY C 136 -31.64 18.76 5.96
C GLY C 136 -30.35 19.44 5.54
N THR C 137 -29.45 19.62 6.51
CA THR C 137 -28.19 20.31 6.28
C THR C 137 -27.16 19.85 7.31
N LEU C 138 -25.93 20.30 7.15
CA LEU C 138 -24.86 19.98 8.09
C LEU C 138 -25.26 20.41 9.50
N ASP C 139 -24.93 19.60 10.49
CA ASP C 139 -25.28 19.87 11.88
C ASP C 139 -24.77 21.25 12.32
N SER C 140 -23.85 21.81 11.56
CA SER C 140 -23.34 23.14 11.81
C SER C 140 -22.97 23.82 10.49
N GLY C 141 -21.73 24.31 10.41
CA GLY C 141 -21.25 24.92 9.18
C GLY C 141 -21.85 26.29 8.91
N SER C 142 -21.62 26.80 7.71
CA SER C 142 -22.09 28.13 7.32
C SER C 142 -23.51 28.08 6.76
N THR C 143 -23.91 26.89 6.28
CA THR C 143 -25.23 26.72 5.69
C THR C 143 -26.34 26.77 6.73
N LYS C 144 -26.07 26.19 7.90
CA LYS C 144 -27.05 26.14 8.98
C LYS C 144 -27.41 27.52 9.50
N GLU C 145 -26.39 28.28 9.92
CA GLU C 145 -26.58 29.61 10.44
C GLU C 145 -27.35 30.49 9.45
N PHE C 146 -27.23 30.16 8.17
CA PHE C 146 -27.93 30.89 7.12
C PHE C 146 -29.44 30.80 7.29
N PHE C 147 -29.93 29.63 7.66
CA PHE C 147 -31.36 29.41 7.82
C PHE C 147 -31.86 29.84 9.20
N ARG C 148 -30.94 30.28 10.05
CA ARG C 148 -31.30 30.68 11.41
C ARG C 148 -31.66 32.16 11.48
N ARG C 149 -31.02 32.97 10.64
CA ARG C 149 -31.26 34.41 10.64
C ARG C 149 -32.09 34.85 9.44
N SER C 150 -32.54 33.89 8.65
CA SER C 150 -33.33 34.19 7.46
C SER C 150 -34.68 34.79 7.80
N LYS C 151 -35.03 35.88 7.15
CA LYS C 151 -36.33 36.53 7.34
C LYS C 151 -37.22 36.36 6.12
N ILE C 152 -36.86 35.42 5.25
CA ILE C 152 -37.67 35.09 4.08
C ILE C 152 -38.52 33.86 4.36
N CYS C 153 -39.83 33.99 4.13
CA CYS C 153 -40.79 32.96 4.50
C CYS C 153 -40.50 31.58 3.90
N VAL C 154 -40.04 31.55 2.66
CA VAL C 154 -39.69 30.28 2.02
C VAL C 154 -38.61 29.56 2.82
N PHE C 155 -37.55 30.29 3.14
CA PHE C 155 -36.43 29.73 3.90
C PHE C 155 -36.73 29.65 5.39
N ASP C 156 -37.61 30.54 5.85
CA ASP C 156 -38.00 30.57 7.26
C ASP C 156 -38.96 29.43 7.59
N LYS C 157 -39.77 29.05 6.60
CA LYS C 157 -40.70 27.93 6.75
C LYS C 157 -39.94 26.61 6.69
N MET C 158 -38.78 26.63 6.06
CA MET C 158 -37.95 25.43 5.97
C MET C 158 -37.15 25.20 7.24
N TRP C 159 -36.70 26.29 7.86
CA TRP C 159 -35.96 26.18 9.12
C TRP C 159 -36.86 25.75 10.26
N THR C 160 -38.14 26.13 10.16
CA THR C 160 -39.14 25.70 11.14
C THR C 160 -39.29 24.19 11.08
N TYR C 161 -39.17 23.64 9.87
CA TYR C 161 -39.24 22.21 9.65
C TYR C 161 -38.00 21.51 10.20
N MET C 162 -36.82 22.06 9.88
CA MET C 162 -35.55 21.47 10.28
C MET C 162 -35.31 21.56 11.78
N ARG C 163 -35.84 22.61 12.40
CA ARG C 163 -35.71 22.79 13.86
C ARG C 163 -36.30 21.59 14.60
N SER C 164 -37.46 21.13 14.14
CA SER C 164 -38.14 20.01 14.79
C SER C 164 -38.61 18.96 13.80
N ALA C 165 -37.66 18.19 13.27
CA ALA C 165 -37.98 17.11 12.34
C ALA C 165 -37.46 15.78 12.88
N GLU C 166 -38.33 14.78 12.91
CA GLU C 166 -37.97 13.47 13.44
C GLU C 166 -38.12 12.38 12.38
N PRO C 167 -37.04 11.60 12.14
CA PRO C 167 -35.75 11.77 12.81
C PRO C 167 -35.03 13.04 12.38
N SER C 168 -33.96 13.40 13.07
CA SER C 168 -33.20 14.61 12.76
C SER C 168 -32.79 14.65 11.29
N VAL C 169 -32.85 15.83 10.70
CA VAL C 169 -32.50 16.01 9.29
C VAL C 169 -31.08 16.54 9.14
N PHE C 170 -30.43 16.83 10.26
CA PHE C 170 -29.05 17.32 10.23
C PHE C 170 -28.07 16.15 10.10
N VAL C 171 -26.92 16.43 9.50
CA VAL C 171 -25.90 15.40 9.28
C VAL C 171 -24.56 15.80 9.89
N ARG C 172 -23.83 14.80 10.37
CA ARG C 172 -22.53 15.05 11.00
C ARG C 172 -21.52 15.65 10.02
N THR C 173 -21.34 15.00 8.88
CA THR C 173 -20.39 15.46 7.87
C THR C 173 -21.03 15.55 6.49
N THR C 174 -20.25 16.02 5.52
CA THR C 174 -20.73 16.15 4.16
C THR C 174 -20.87 14.79 3.47
N ALA C 175 -19.87 13.94 3.66
CA ALA C 175 -19.89 12.60 3.09
C ALA C 175 -21.15 11.85 3.50
N GLU C 176 -21.50 11.96 4.78
CA GLU C 176 -22.70 11.32 5.30
C GLU C 176 -23.96 12.01 4.79
N GLY C 177 -23.82 13.27 4.40
CA GLY C 177 -24.91 14.03 3.82
C GLY C 177 -25.23 13.52 2.42
N VAL C 178 -24.19 13.32 1.63
CA VAL C 178 -24.35 12.77 0.29
C VAL C 178 -24.84 11.33 0.36
N ALA C 179 -24.40 10.62 1.40
CA ALA C 179 -24.80 9.24 1.61
C ALA C 179 -26.29 9.12 1.91
N ARG C 180 -26.79 10.02 2.76
CA ARG C 180 -28.19 10.00 3.15
C ARG C 180 -29.10 10.22 1.95
N VAL C 181 -28.65 11.04 1.00
CA VAL C 181 -29.41 11.31 -0.21
C VAL C 181 -29.43 10.10 -1.13
N ARG C 182 -28.30 9.41 -1.21
CA ARG C 182 -28.16 8.25 -2.10
C ARG C 182 -28.79 6.99 -1.50
N LYS C 183 -29.31 7.09 -0.29
CA LYS C 183 -29.82 5.92 0.42
C LYS C 183 -31.28 6.07 0.85
N SER C 184 -31.85 7.25 0.65
CA SER C 184 -33.21 7.52 1.11
C SER C 184 -34.28 7.22 0.06
N LYS C 185 -33.84 6.82 -1.13
CA LYS C 185 -34.77 6.58 -2.24
C LYS C 185 -35.48 7.86 -2.65
N GLY C 186 -34.76 8.97 -2.64
CA GLY C 186 -35.33 10.25 -3.02
C GLY C 186 -36.23 10.83 -1.95
N LYS C 187 -36.05 10.38 -0.72
CA LYS C 187 -36.84 10.86 0.41
C LYS C 187 -36.07 11.89 1.22
N TYR C 188 -34.85 12.20 0.79
CA TYR C 188 -34.03 13.18 1.50
C TYR C 188 -33.22 14.08 0.57
N ALA C 189 -33.41 15.39 0.73
CA ALA C 189 -32.64 16.37 -0.03
C ALA C 189 -31.64 17.07 0.89
N TYR C 190 -30.40 17.18 0.43
CA TYR C 190 -29.32 17.77 1.23
C TYR C 190 -28.87 19.11 0.67
N LEU C 191 -28.65 20.07 1.56
CA LEU C 191 -28.20 21.40 1.15
C LEU C 191 -26.74 21.62 1.49
N LEU C 192 -25.92 21.85 0.46
CA LEU C 192 -24.49 22.01 0.65
C LEU C 192 -23.92 23.07 -0.29
N GLU C 193 -22.62 23.31 -0.19
CA GLU C 193 -21.94 24.26 -1.06
C GLU C 193 -22.06 23.82 -2.51
N SER C 194 -22.20 24.79 -3.41
CA SER C 194 -22.35 24.48 -4.83
C SER C 194 -21.10 23.82 -5.39
N THR C 195 -19.94 24.40 -5.10
CA THR C 195 -18.68 23.88 -5.59
C THR C 195 -18.56 22.37 -5.38
N MET C 196 -19.01 21.90 -4.22
CA MET C 196 -18.98 20.48 -3.91
C MET C 196 -20.11 19.74 -4.63
N ASN C 197 -21.28 20.36 -4.67
CA ASN C 197 -22.44 19.77 -5.32
C ASN C 197 -22.16 19.48 -6.79
N GLU C 198 -21.65 20.47 -7.51
CA GLU C 198 -21.36 20.32 -8.93
C GLU C 198 -20.10 19.50 -9.17
N TYR C 199 -19.55 18.93 -8.09
CA TYR C 199 -18.42 18.03 -8.21
C TYR C 199 -18.89 16.59 -8.11
N ILE C 200 -19.70 16.30 -7.10
CA ILE C 200 -20.31 14.99 -6.94
C ILE C 200 -21.19 14.68 -8.14
N GLU C 201 -21.82 15.72 -8.68
CA GLU C 201 -22.67 15.58 -9.86
C GLU C 201 -21.86 15.06 -11.04
N GLN C 202 -20.55 15.33 -11.03
CA GLN C 202 -19.64 14.81 -12.04
C GLN C 202 -18.84 13.66 -11.46
N ARG C 203 -19.49 12.81 -10.67
CA ARG C 203 -18.82 11.71 -10.00
C ARG C 203 -19.74 10.49 -9.90
N LYS C 204 -19.18 9.31 -10.19
CA LYS C 204 -19.93 8.07 -10.08
C LYS C 204 -20.42 7.85 -8.65
N PRO C 205 -21.55 7.13 -8.49
CA PRO C 205 -22.31 6.45 -9.53
C PRO C 205 -23.21 7.39 -10.33
N CYS C 206 -22.84 8.67 -10.41
CA CYS C 206 -23.57 9.64 -11.20
C CYS C 206 -25.08 9.51 -11.04
N ASP C 207 -25.54 9.55 -9.79
CA ASP C 207 -26.96 9.40 -9.48
C ASP C 207 -27.53 10.61 -8.75
N THR C 208 -26.79 11.71 -8.75
CA THR C 208 -27.22 12.92 -8.06
C THR C 208 -27.16 14.13 -8.99
N MET C 209 -27.87 15.20 -8.61
CA MET C 209 -27.88 16.41 -9.42
C MET C 209 -28.12 17.67 -8.59
N LYS C 210 -27.71 18.81 -9.14
CA LYS C 210 -27.93 20.11 -8.50
C LYS C 210 -29.17 20.76 -9.08
N VAL C 211 -30.20 20.93 -8.25
CA VAL C 211 -31.45 21.52 -8.71
C VAL C 211 -31.55 23.00 -8.38
N GLY C 212 -32.17 23.76 -9.28
CA GLY C 212 -32.33 25.19 -9.08
C GLY C 212 -31.01 25.93 -9.09
N GLY C 213 -31.01 27.15 -8.59
CA GLY C 213 -29.82 27.96 -8.51
C GLY C 213 -29.36 28.15 -7.09
N ASN C 214 -28.23 28.82 -6.92
CA ASN C 214 -27.69 29.08 -5.58
C ASN C 214 -28.66 29.87 -4.72
N LEU C 215 -28.69 29.56 -3.43
CA LEU C 215 -29.59 30.25 -2.49
C LEU C 215 -28.93 31.50 -1.94
N ASP C 216 -27.62 31.60 -2.11
CA ASP C 216 -26.87 32.78 -1.67
C ASP C 216 -25.54 32.85 -2.40
N SER C 217 -24.68 33.77 -1.98
CA SER C 217 -23.39 33.97 -2.66
C SER C 217 -22.24 34.18 -1.67
N LYS C 218 -21.36 33.19 -1.58
CA LYS C 218 -20.16 33.30 -0.76
C LYS C 218 -18.92 33.05 -1.62
N GLY C 219 -17.74 33.16 -1.01
CA GLY C 219 -16.51 32.97 -1.73
C GLY C 219 -15.39 32.35 -0.91
N TYR C 220 -14.48 31.67 -1.58
CA TYR C 220 -13.30 31.10 -0.94
C TYR C 220 -12.13 32.08 -1.06
N GLY C 221 -11.34 32.19 -0.01
CA GLY C 221 -10.22 33.11 -0.01
C GLY C 221 -8.97 32.56 0.66
N ILE C 222 -7.82 33.08 0.26
CA ILE C 222 -6.56 32.71 0.88
C ILE C 222 -6.39 33.46 2.19
N ALA C 223 -6.21 32.73 3.28
CA ALA C 223 -6.16 33.34 4.60
C ALA C 223 -4.74 33.45 5.15
N THR C 224 -4.47 34.56 5.83
CA THR C 224 -3.18 34.79 6.47
C THR C 224 -3.41 35.47 7.82
N PRO C 225 -2.46 35.32 8.75
CA PRO C 225 -2.60 35.95 10.07
C PRO C 225 -2.69 37.47 9.95
N LYS C 226 -3.39 38.11 10.88
CA LYS C 226 -3.51 39.55 10.87
C LYS C 226 -2.15 40.23 10.88
N GLY C 227 -1.97 41.22 10.00
CA GLY C 227 -0.74 41.97 9.94
C GLY C 227 0.42 41.21 9.32
N SER C 228 0.12 40.10 8.67
CA SER C 228 1.15 39.30 8.01
C SER C 228 1.78 40.05 6.85
N SER C 229 3.10 39.98 6.75
CA SER C 229 3.82 40.64 5.66
C SER C 229 3.75 39.80 4.40
N LEU C 230 2.60 39.19 4.17
CA LEU C 230 2.41 38.30 3.03
C LEU C 230 1.06 38.54 2.37
N GLY C 231 0.12 39.08 3.15
CA GLY C 231 -1.22 39.32 2.68
C GLY C 231 -1.32 40.11 1.39
N ASN C 232 -0.78 41.33 1.41
CA ASN C 232 -0.84 42.21 0.25
C ASN C 232 -0.36 41.55 -1.04
N ALA C 233 0.76 40.85 -0.95
CA ALA C 233 1.34 40.16 -2.10
C ALA C 233 0.43 39.02 -2.56
N VAL C 234 -0.10 38.27 -1.60
CA VAL C 234 -0.99 37.16 -1.90
C VAL C 234 -2.26 37.64 -2.60
N ASN C 235 -2.85 38.71 -2.06
CA ASN C 235 -4.05 39.29 -2.64
C ASN C 235 -3.86 39.64 -4.11
N LEU C 236 -2.81 40.41 -4.39
CA LEU C 236 -2.49 40.80 -5.76
C LEU C 236 -2.30 39.58 -6.65
N ALA C 237 -1.73 38.52 -6.08
CA ALA C 237 -1.49 37.29 -6.83
C ALA C 237 -2.80 36.67 -7.30
N VAL C 238 -3.77 36.58 -6.39
CA VAL C 238 -5.06 35.99 -6.72
C VAL C 238 -5.75 36.76 -7.84
N LEU C 239 -5.76 38.08 -7.73
CA LEU C 239 -6.38 38.93 -8.75
C LEU C 239 -5.69 38.76 -10.10
N LYS C 240 -4.36 38.66 -10.07
CA LYS C 240 -3.58 38.52 -11.29
C LYS C 240 -3.82 37.16 -11.94
N LEU C 241 -3.85 36.11 -11.12
CA LEU C 241 -4.10 34.77 -11.62
C LEU C 241 -5.52 34.62 -12.15
N ASN C 242 -6.42 35.47 -11.67
CA ASN C 242 -7.80 35.44 -12.11
C ASN C 242 -7.98 36.16 -13.45
N GLU C 243 -7.33 37.31 -13.59
CA GLU C 243 -7.41 38.08 -14.83
C GLU C 243 -6.72 37.35 -15.97
N GLN C 244 -5.82 36.43 -15.63
CA GLN C 244 -5.12 35.64 -16.63
C GLN C 244 -5.90 34.37 -16.97
N GLY C 245 -6.98 34.14 -16.23
CA GLY C 245 -7.85 33.01 -16.48
C GLY C 245 -7.31 31.68 -16.00
N LEU C 246 -6.28 31.72 -15.15
CA LEU C 246 -5.67 30.51 -14.64
C LEU C 246 -6.50 29.87 -13.52
N LEU C 247 -7.33 30.67 -12.88
CA LEU C 247 -8.23 30.18 -11.84
C LEU C 247 -9.45 29.51 -12.46
N ASP C 248 -9.72 29.85 -13.72
CA ASP C 248 -10.85 29.30 -14.44
C ASP C 248 -10.49 27.98 -15.11
N LYS C 249 -9.28 27.92 -15.66
CA LYS C 249 -8.81 26.71 -16.33
C LYS C 249 -8.38 25.66 -15.30
N LEU C 250 -8.33 26.07 -14.04
CA LEU C 250 -8.00 25.15 -12.96
C LEU C 250 -9.24 24.41 -12.47
N LYS C 251 -10.37 25.10 -12.46
CA LYS C 251 -11.62 24.48 -12.01
C LYS C 251 -12.09 23.41 -12.99
N ASN C 252 -12.31 23.81 -14.24
CA ASN C 252 -12.77 22.86 -15.26
C ASN C 252 -11.88 21.63 -15.32
N LYS C 253 -10.61 21.79 -14.95
CA LYS C 253 -9.67 20.69 -14.94
C LYS C 253 -10.05 19.64 -13.90
N TRP C 254 -10.12 20.07 -12.63
CA TRP C 254 -10.41 19.16 -11.53
C TRP C 254 -11.90 18.94 -11.31
N TRP C 255 -12.71 19.50 -12.21
CA TRP C 255 -14.16 19.40 -12.06
C TRP C 255 -14.85 18.73 -13.25
N TYR C 256 -14.46 19.11 -14.46
CA TYR C 256 -15.16 18.65 -15.66
C TYR C 256 -14.30 17.79 -16.58
N ASP C 257 -13.04 18.19 -16.79
CA ASP C 257 -12.12 17.41 -17.60
C ASP C 257 -11.93 16.02 -16.99
N LYS C 258 -11.79 15.99 -15.67
CA LYS C 258 -11.64 14.73 -14.95
C LYS C 258 -13.01 14.18 -14.53
N GLY C 259 -14.05 14.59 -15.25
CA GLY C 259 -15.40 14.17 -14.95
C GLY C 259 -15.67 12.75 -15.40
N GLU C 260 -16.46 12.02 -14.61
CA GLU C 260 -16.78 10.64 -14.92
C GLU C 260 -18.12 10.53 -15.60
N CYS C 261 -18.55 11.62 -16.23
CA CYS C 261 -19.82 11.66 -16.92
C CYS C 261 -19.78 12.64 -18.09
N LYS D 4 44.84 22.48 -29.58
CA LYS D 4 44.35 21.27 -28.92
C LYS D 4 43.21 20.63 -29.72
N THR D 5 43.01 19.33 -29.51
CA THR D 5 41.94 18.61 -30.19
C THR D 5 40.59 18.99 -29.61
N VAL D 6 39.59 19.12 -30.49
CA VAL D 6 38.25 19.53 -30.07
C VAL D 6 37.36 18.33 -29.75
N VAL D 7 36.69 18.38 -28.61
CA VAL D 7 35.75 17.34 -28.21
C VAL D 7 34.38 17.61 -28.83
N VAL D 8 33.86 16.63 -29.57
CA VAL D 8 32.58 16.78 -30.26
C VAL D 8 31.55 15.79 -29.74
N THR D 9 30.51 16.31 -29.11
CA THR D 9 29.44 15.48 -28.57
C THR D 9 28.38 15.19 -29.63
N THR D 10 27.77 14.02 -29.54
CA THR D 10 26.71 13.63 -30.46
C THR D 10 25.97 12.40 -29.93
N ILE D 11 24.76 12.18 -30.42
CA ILE D 11 23.98 11.01 -30.01
C ILE D 11 24.02 9.95 -31.09
N LEU D 12 23.32 8.84 -30.86
CA LEU D 12 23.26 7.76 -31.84
C LEU D 12 21.87 7.60 -32.40
N GLU D 13 21.38 8.64 -33.07
CA GLU D 13 20.07 8.63 -33.69
C GLU D 13 20.21 8.47 -35.20
N SER D 14 19.32 7.66 -35.79
CA SER D 14 19.36 7.42 -37.23
C SER D 14 18.55 8.49 -37.97
N PRO D 15 19.02 8.88 -39.17
CA PRO D 15 20.27 8.42 -39.75
C PRO D 15 21.39 9.46 -39.60
N TYR D 16 21.30 10.29 -38.56
CA TYR D 16 22.25 11.37 -38.35
C TYR D 16 23.65 10.85 -38.03
N VAL D 17 23.72 9.80 -37.24
CA VAL D 17 24.99 9.18 -36.89
C VAL D 17 24.79 7.81 -36.28
N MET D 18 25.32 6.79 -36.94
CA MET D 18 25.12 5.41 -36.53
C MET D 18 26.43 4.63 -36.61
N MET D 19 26.50 3.52 -35.87
CA MET D 19 27.65 2.63 -35.97
C MET D 19 27.56 1.83 -37.25
N LYS D 20 28.65 1.78 -38.00
CA LYS D 20 28.68 1.10 -39.29
C LYS D 20 28.46 -0.40 -39.13
N LYS D 21 29.52 -1.17 -39.39
CA LYS D 21 29.47 -2.62 -39.25
C LYS D 21 30.86 -3.12 -38.84
N ASN D 22 31.86 -2.74 -39.63
CA ASN D 22 33.24 -3.04 -39.29
C ASN D 22 33.84 -1.93 -38.44
N HIS D 23 33.02 -1.34 -37.58
CA HIS D 23 33.45 -0.23 -36.74
C HIS D 23 34.45 -0.71 -35.69
N GLU D 24 34.45 -2.00 -35.40
CA GLU D 24 35.42 -2.57 -34.48
C GLU D 24 36.77 -2.73 -35.16
N MET D 25 36.74 -2.98 -36.47
CA MET D 25 37.96 -3.04 -37.27
C MET D 25 38.50 -1.64 -37.48
N LEU D 26 37.72 -0.64 -37.08
CA LEU D 26 38.11 0.76 -37.20
C LEU D 26 38.24 1.41 -35.83
N GLU D 27 39.09 2.42 -35.72
CA GLU D 27 39.30 3.11 -34.46
C GLU D 27 39.43 4.62 -34.68
N GLY D 28 38.49 5.37 -34.12
CA GLY D 28 38.53 6.82 -34.22
C GLY D 28 37.24 7.42 -34.79
N ASN D 29 37.38 8.53 -35.49
CA ASN D 29 36.23 9.21 -36.08
C ASN D 29 35.76 8.55 -37.37
N GLU D 30 36.17 7.31 -37.58
CA GLU D 30 35.79 6.58 -38.78
C GLU D 30 34.82 5.44 -38.46
N ARG D 31 34.53 5.27 -37.16
CA ARG D 31 33.59 4.25 -36.72
C ARG D 31 32.15 4.69 -36.94
N TYR D 32 31.97 5.98 -37.21
CA TYR D 32 30.64 6.56 -37.32
C TYR D 32 30.27 6.87 -38.78
N GLU D 33 28.96 7.01 -39.03
CA GLU D 33 28.46 7.37 -40.34
C GLU D 33 27.08 8.02 -40.21
N GLY D 34 26.78 8.96 -41.11
CA GLY D 34 25.49 9.62 -41.11
C GLY D 34 25.55 11.12 -41.35
N TYR D 35 24.40 11.76 -41.24
CA TYR D 35 24.27 13.20 -41.48
C TYR D 35 25.33 14.01 -40.74
N CYS D 36 25.29 13.93 -39.42
CA CYS D 36 26.14 14.76 -38.57
C CYS D 36 27.64 14.47 -38.73
N VAL D 37 28.00 13.19 -38.84
CA VAL D 37 29.40 12.80 -38.98
C VAL D 37 29.98 13.41 -40.24
N ASP D 38 29.13 13.60 -41.26
CA ASP D 38 29.55 14.25 -42.49
C ASP D 38 29.65 15.75 -42.26
N LEU D 39 28.65 16.29 -41.57
CA LEU D 39 28.58 17.72 -41.29
C LEU D 39 29.82 18.18 -40.51
N ALA D 40 30.13 17.46 -39.44
CA ALA D 40 31.28 17.78 -38.60
C ALA D 40 32.58 17.78 -39.41
N ALA D 41 32.66 16.86 -40.38
CA ALA D 41 33.85 16.76 -41.22
C ALA D 41 34.05 18.03 -42.05
N GLU D 42 32.95 18.55 -42.58
CA GLU D 42 33.00 19.77 -43.39
C GLU D 42 33.22 21.01 -42.55
N ILE D 43 32.52 21.09 -41.42
CA ILE D 43 32.63 22.22 -40.51
C ILE D 43 34.06 22.35 -39.97
N ALA D 44 34.60 21.23 -39.50
CA ALA D 44 35.97 21.20 -38.99
C ALA D 44 36.97 21.50 -40.09
N LYS D 45 36.70 20.97 -41.28
CA LYS D 45 37.55 21.22 -42.44
C LYS D 45 37.57 22.71 -42.78
N HIS D 46 36.50 23.41 -42.44
CA HIS D 46 36.36 24.82 -42.76
C HIS D 46 36.93 25.72 -41.67
N CYS D 47 36.72 25.33 -40.41
CA CYS D 47 37.20 26.13 -39.29
C CYS D 47 38.69 25.93 -39.06
N GLY D 48 39.24 24.87 -39.63
CA GLY D 48 40.66 24.60 -39.56
C GLY D 48 41.15 24.12 -38.21
N PHE D 49 40.40 23.18 -37.61
CA PHE D 49 40.80 22.60 -36.34
C PHE D 49 40.66 21.07 -36.35
N LYS D 50 41.38 20.41 -35.45
CA LYS D 50 41.26 18.97 -35.30
C LYS D 50 40.19 18.65 -34.27
N TYR D 51 39.51 17.52 -34.45
CA TYR D 51 38.39 17.17 -33.58
C TYR D 51 38.30 15.67 -33.35
N LYS D 52 37.37 15.26 -32.49
CA LYS D 52 37.15 13.85 -32.19
C LYS D 52 35.71 13.63 -31.71
N LEU D 53 34.98 12.78 -32.42
CA LEU D 53 33.59 12.52 -32.06
C LEU D 53 33.45 11.68 -30.81
N THR D 54 32.55 12.09 -29.92
CA THR D 54 32.24 11.34 -28.72
C THR D 54 30.73 11.18 -28.62
N ILE D 55 30.28 10.32 -27.72
CA ILE D 55 28.85 10.10 -27.52
C ILE D 55 28.42 10.48 -26.11
N VAL D 56 27.34 11.25 -26.01
CA VAL D 56 26.81 11.66 -24.72
C VAL D 56 26.57 10.45 -23.83
N GLY D 57 27.02 10.55 -22.58
CA GLY D 57 26.95 9.43 -21.65
C GLY D 57 25.55 8.93 -21.37
N ASP D 58 24.60 9.84 -21.24
CA ASP D 58 23.23 9.48 -20.88
C ASP D 58 22.31 9.32 -22.09
N GLY D 59 22.84 9.57 -23.28
CA GLY D 59 22.10 9.37 -24.50
C GLY D 59 20.88 10.25 -24.67
N LYS D 60 20.86 11.38 -23.98
CA LYS D 60 19.76 12.35 -24.10
C LYS D 60 20.18 13.55 -24.93
N TYR D 61 19.21 14.38 -25.29
CA TYR D 61 19.49 15.58 -26.08
C TYR D 61 19.85 16.77 -25.21
N GLY D 62 18.95 17.16 -24.32
CA GLY D 62 19.19 18.29 -23.44
C GLY D 62 17.93 18.82 -22.79
N ALA D 63 17.61 18.28 -21.62
CA ALA D 63 16.46 18.73 -20.85
C ALA D 63 16.87 19.13 -19.44
N ARG D 64 16.21 20.15 -18.90
CA ARG D 64 16.52 20.64 -17.56
C ARG D 64 15.56 20.06 -16.52
N ASP D 65 16.06 19.14 -15.72
CA ASP D 65 15.26 18.54 -14.66
C ASP D 65 14.84 19.61 -13.65
N ALA D 66 13.60 20.07 -13.77
CA ALA D 66 13.07 21.12 -12.91
C ALA D 66 13.36 20.86 -11.44
N ASP D 67 13.50 19.58 -11.09
CA ASP D 67 13.81 19.18 -9.72
C ASP D 67 15.13 19.80 -9.24
N THR D 68 16.22 19.47 -9.93
CA THR D 68 17.54 19.91 -9.52
C THR D 68 18.05 21.07 -10.38
N LYS D 69 17.25 21.49 -11.34
CA LYS D 69 17.62 22.57 -12.26
C LYS D 69 18.80 22.17 -13.16
N ILE D 70 19.24 20.92 -13.03
CA ILE D 70 20.40 20.43 -13.77
C ILE D 70 20.03 19.97 -15.17
N TRP D 71 20.88 20.30 -16.13
CA TRP D 71 20.66 19.90 -17.52
C TRP D 71 21.25 18.52 -17.81
N ASN D 72 20.54 17.74 -18.60
CA ASN D 72 21.02 16.42 -19.02
C ASN D 72 21.37 16.42 -20.51
N GLY D 73 21.65 15.23 -21.04
CA GLY D 73 21.95 15.08 -22.45
C GLY D 73 23.16 15.86 -22.92
N MET D 74 23.17 16.19 -24.21
CA MET D 74 24.28 16.93 -24.80
C MET D 74 24.42 18.33 -24.20
N VAL D 75 23.31 19.04 -24.12
CA VAL D 75 23.31 20.39 -23.56
C VAL D 75 24.02 20.42 -22.22
N GLY D 76 23.80 19.39 -21.41
CA GLY D 76 24.46 19.28 -20.13
C GLY D 76 25.98 19.21 -20.28
N GLU D 77 26.45 18.31 -21.13
CA GLU D 77 27.88 18.16 -21.35
C GLU D 77 28.51 19.42 -21.93
N LEU D 78 27.70 20.19 -22.65
CA LEU D 78 28.17 21.45 -23.21
C LEU D 78 28.34 22.50 -22.12
N VAL D 79 27.30 22.67 -21.30
CA VAL D 79 27.31 23.68 -20.25
C VAL D 79 28.22 23.29 -19.08
N TYR D 80 28.71 22.05 -19.10
CA TYR D 80 29.53 21.55 -18.00
C TYR D 80 30.95 21.20 -18.44
N GLY D 81 31.41 21.83 -19.50
CA GLY D 81 32.78 21.69 -19.96
C GLY D 81 33.21 20.28 -20.34
N LYS D 82 32.23 19.39 -20.51
CA LYS D 82 32.52 18.02 -20.90
C LYS D 82 32.62 17.89 -22.42
N ALA D 83 32.56 19.03 -23.11
CA ALA D 83 32.64 19.05 -24.56
C ALA D 83 32.93 20.46 -25.08
N ASP D 84 33.28 20.56 -26.35
CA ASP D 84 33.58 21.84 -26.98
C ASP D 84 32.52 22.24 -28.00
N ILE D 85 31.85 21.23 -28.56
CA ILE D 85 30.86 21.46 -29.60
C ILE D 85 29.95 20.24 -29.78
N ALA D 86 28.69 20.50 -30.10
CA ALA D 86 27.71 19.42 -30.25
C ALA D 86 27.07 19.41 -31.63
N ILE D 87 27.69 18.68 -32.56
CA ILE D 87 27.10 18.49 -33.88
C ILE D 87 26.05 17.38 -33.80
N ALA D 88 24.78 17.77 -33.91
CA ALA D 88 23.69 16.82 -33.75
C ALA D 88 22.36 17.44 -34.17
N PRO D 89 21.33 16.59 -34.36
CA PRO D 89 19.98 17.07 -34.65
C PRO D 89 19.34 17.68 -33.41
N LEU D 90 20.04 18.63 -32.80
CA LEU D 90 19.55 19.29 -31.59
C LEU D 90 18.69 20.49 -31.95
N THR D 91 17.39 20.40 -31.64
CA THR D 91 16.46 21.47 -31.93
C THR D 91 16.84 22.76 -31.22
N ILE D 92 16.60 23.89 -31.88
CA ILE D 92 16.89 25.19 -31.28
C ILE D 92 15.66 25.73 -30.57
N THR D 93 15.64 25.59 -29.25
CA THR D 93 14.51 26.04 -28.44
C THR D 93 14.87 27.28 -27.63
N TYR D 94 13.84 27.97 -27.14
CA TYR D 94 14.02 29.18 -26.36
C TYR D 94 14.84 28.94 -25.10
N VAL D 95 14.47 27.91 -24.35
CA VAL D 95 15.12 27.62 -23.06
C VAL D 95 16.61 27.33 -23.21
N ARG D 96 16.98 26.64 -24.29
CA ARG D 96 18.37 26.27 -24.51
C ARG D 96 19.24 27.45 -24.91
N GLU D 97 18.70 28.33 -25.73
CA GLU D 97 19.44 29.49 -26.21
C GLU D 97 19.89 30.36 -25.04
N GLU D 98 19.21 30.22 -23.89
CA GLU D 98 19.55 30.99 -22.71
C GLU D 98 20.80 30.49 -22.01
N VAL D 99 21.12 29.21 -22.22
CA VAL D 99 22.26 28.60 -21.53
C VAL D 99 23.47 28.44 -22.45
N ILE D 100 23.23 28.22 -23.74
CA ILE D 100 24.31 28.04 -24.70
C ILE D 100 24.06 28.81 -25.99
N ASP D 101 25.05 28.81 -26.87
CA ASP D 101 24.94 29.52 -28.15
C ASP D 101 24.60 28.57 -29.29
N PHE D 102 23.70 29.01 -30.16
CA PHE D 102 23.32 28.22 -31.32
C PHE D 102 23.67 28.93 -32.62
N SER D 103 24.29 28.19 -33.54
CA SER D 103 24.55 28.72 -34.87
C SER D 103 23.25 28.68 -35.68
N LYS D 104 23.28 29.26 -36.87
CA LYS D 104 22.11 29.24 -37.74
C LYS D 104 21.74 27.81 -38.10
N PRO D 105 20.42 27.49 -38.04
CA PRO D 105 19.90 26.15 -38.31
C PRO D 105 20.43 25.57 -39.61
N PHE D 106 20.76 24.28 -39.61
CA PHE D 106 21.26 23.61 -40.81
C PHE D 106 20.19 22.72 -41.43
N MET D 107 19.09 22.54 -40.72
CA MET D 107 17.97 21.74 -41.21
C MET D 107 16.65 22.15 -40.58
N SER D 108 15.62 22.28 -41.41
CA SER D 108 14.29 22.65 -40.93
C SER D 108 13.40 21.42 -40.77
N LEU D 109 12.58 21.43 -39.73
CA LEU D 109 11.67 20.31 -39.47
C LEU D 109 10.36 20.80 -38.90
N GLY D 110 9.62 19.89 -38.26
CA GLY D 110 8.34 20.23 -37.66
C GLY D 110 7.56 19.01 -37.22
N ILE D 111 6.81 19.15 -36.13
CA ILE D 111 6.00 18.05 -35.61
C ILE D 111 4.99 17.58 -36.66
N SER D 112 4.78 16.27 -36.72
CA SER D 112 3.82 15.70 -37.67
C SER D 112 3.09 14.50 -37.07
N ILE D 113 2.22 13.89 -37.87
CA ILE D 113 1.44 12.74 -37.42
C ILE D 113 1.86 11.48 -38.16
N MET D 114 1.99 10.38 -37.42
CA MET D 114 2.33 9.09 -38.00
C MET D 114 1.20 8.09 -37.78
N ILE D 115 0.82 7.40 -38.86
CA ILE D 115 -0.28 6.44 -38.80
C ILE D 115 0.00 5.21 -39.64
N LYS D 116 -0.81 4.18 -39.47
CA LYS D 116 -0.77 3.01 -40.33
C LYS D 116 -1.36 3.36 -41.68
N LYS D 117 -0.71 2.93 -42.76
CA LYS D 117 -1.21 3.20 -44.10
C LYS D 117 -2.62 2.65 -44.26
N GLY D 118 -3.61 3.54 -44.18
CA GLY D 118 -5.00 3.14 -44.30
C GLY D 118 -5.85 3.66 -43.15
N THR D 119 -5.23 4.44 -42.26
CA THR D 119 -5.92 5.00 -41.10
C THR D 119 -6.82 6.17 -41.51
N PRO D 120 -8.07 6.16 -41.06
CA PRO D 120 -9.05 7.22 -41.36
C PRO D 120 -8.67 8.55 -40.73
N ILE D 121 -7.81 9.31 -41.40
CA ILE D 121 -7.38 10.61 -40.91
C ILE D 121 -6.66 11.38 -42.01
N GLU D 122 -6.89 12.69 -42.06
CA GLU D 122 -6.27 13.54 -43.08
C GLU D 122 -5.26 14.52 -42.47
N SER D 123 -5.54 14.97 -41.25
CA SER D 123 -4.66 15.92 -40.58
C SER D 123 -5.03 16.09 -39.11
N ALA D 124 -4.67 17.24 -38.55
CA ALA D 124 -4.99 17.53 -37.16
C ALA D 124 -6.38 18.12 -37.02
N GLU D 125 -7.38 17.36 -37.45
CA GLU D 125 -8.78 17.77 -37.34
C GLU D 125 -9.69 16.56 -37.51
N ASP D 126 -9.31 15.66 -38.41
CA ASP D 126 -10.02 14.41 -38.59
C ASP D 126 -9.61 13.46 -37.47
N LEU D 127 -8.71 13.94 -36.62
CA LEU D 127 -8.16 13.13 -35.54
C LEU D 127 -8.61 13.68 -34.18
N SER D 128 -9.19 14.86 -34.19
CA SER D 128 -9.67 15.49 -32.96
C SER D 128 -11.17 15.30 -32.77
N LYS D 129 -11.93 15.50 -33.86
CA LYS D 129 -13.39 15.41 -33.80
C LYS D 129 -13.88 13.97 -33.79
N GLN D 130 -13.08 13.08 -33.21
CA GLN D 130 -13.46 11.67 -33.10
C GLN D 130 -12.62 10.97 -32.04
N THR D 131 -13.06 9.77 -31.64
CA THR D 131 -12.41 9.05 -30.55
C THR D 131 -12.06 7.61 -30.94
N GLU D 132 -12.45 7.21 -32.15
CA GLU D 132 -12.20 5.85 -32.61
C GLU D 132 -10.70 5.52 -32.64
N ILE D 133 -9.90 6.46 -33.07
CA ILE D 133 -8.45 6.25 -33.15
C ILE D 133 -7.70 7.04 -32.06
N ALA D 134 -6.89 6.31 -31.28
CA ALA D 134 -6.11 6.93 -30.21
C ALA D 134 -4.93 7.70 -30.79
N TYR D 135 -4.29 8.51 -29.95
CA TYR D 135 -3.15 9.30 -30.38
C TYR D 135 -2.42 9.95 -29.20
N GLY D 136 -1.09 9.90 -29.24
CA GLY D 136 -0.27 10.47 -28.18
C GLY D 136 1.12 10.85 -28.66
N THR D 137 1.93 11.35 -27.74
CA THR D 137 3.29 11.78 -28.06
C THR D 137 4.34 11.01 -27.26
N LEU D 138 5.60 11.37 -27.44
CA LEU D 138 6.70 10.69 -26.77
C LEU D 138 6.88 11.15 -25.33
N ASP D 139 6.00 10.67 -24.44
CA ASP D 139 6.08 11.01 -23.02
C ASP D 139 6.37 12.49 -22.81
N SER D 140 7.64 12.80 -22.57
CA SER D 140 8.08 14.19 -22.44
C SER D 140 8.45 14.74 -23.82
N GLY D 141 9.69 15.21 -23.95
CA GLY D 141 10.16 15.72 -25.22
C GLY D 141 9.59 17.08 -25.57
N SER D 142 10.03 17.63 -26.71
CA SER D 142 9.57 18.94 -27.15
C SER D 142 8.17 18.88 -27.74
N THR D 143 7.65 17.67 -27.93
CA THR D 143 6.33 17.48 -28.50
C THR D 143 5.24 17.58 -27.44
N LYS D 144 5.45 16.93 -26.31
CA LYS D 144 4.47 16.95 -25.22
C LYS D 144 4.31 18.33 -24.64
N GLU D 145 5.43 18.97 -24.31
CA GLU D 145 5.42 20.31 -23.75
C GLU D 145 4.73 21.29 -24.70
N PHE D 146 4.70 20.95 -25.98
CA PHE D 146 4.07 21.78 -26.99
C PHE D 146 2.55 21.85 -26.82
N PHE D 147 1.90 20.70 -26.92
CA PHE D 147 0.46 20.62 -26.81
C PHE D 147 -0.07 21.25 -25.52
N ARG D 148 0.81 21.37 -24.53
CA ARG D 148 0.43 21.96 -23.24
C ARG D 148 -0.19 23.34 -23.42
N ARG D 149 0.65 24.35 -23.57
CA ARG D 149 0.18 25.73 -23.72
C ARG D 149 -0.48 25.94 -25.07
N SER D 150 0.10 25.36 -26.12
CA SER D 150 -0.42 25.46 -27.48
C SER D 150 -1.65 26.35 -27.60
N LYS D 151 -1.43 27.64 -27.84
CA LYS D 151 -2.52 28.59 -27.88
C LYS D 151 -3.51 28.26 -29.00
N ILE D 152 -3.09 27.42 -29.93
CA ILE D 152 -3.96 26.96 -31.00
C ILE D 152 -5.00 26.01 -30.42
N CYS D 153 -6.24 26.13 -30.90
CA CYS D 153 -7.35 25.39 -30.30
C CYS D 153 -7.27 23.89 -30.57
N VAL D 154 -7.14 23.53 -31.84
CA VAL D 154 -7.04 22.13 -32.21
C VAL D 154 -6.00 21.41 -31.37
N PHE D 155 -4.82 22.01 -31.27
CA PHE D 155 -3.71 21.39 -30.55
C PHE D 155 -4.00 21.31 -29.04
N ASP D 156 -5.08 21.96 -28.62
CA ASP D 156 -5.52 21.88 -27.22
C ASP D 156 -6.39 20.65 -26.97
N LYS D 157 -7.37 20.42 -27.84
CA LYS D 157 -8.20 19.24 -27.75
C LYS D 157 -7.39 17.97 -27.99
N MET D 158 -6.42 18.08 -28.89
CA MET D 158 -5.51 16.98 -29.16
C MET D 158 -4.82 16.53 -27.88
N TRP D 159 -4.53 17.50 -27.02
CA TRP D 159 -3.85 17.22 -25.76
C TRP D 159 -4.84 16.85 -24.67
N THR D 160 -6.06 17.37 -24.77
CA THR D 160 -7.11 17.05 -23.80
C THR D 160 -7.43 15.56 -23.86
N TYR D 161 -7.32 14.99 -25.06
CA TYR D 161 -7.58 13.58 -25.26
C TYR D 161 -6.58 12.72 -24.47
N MET D 162 -5.31 13.08 -24.56
CA MET D 162 -4.26 12.36 -23.85
C MET D 162 -4.02 12.90 -22.44
N ARG D 163 -4.72 13.98 -22.10
CA ARG D 163 -4.61 14.58 -20.78
C ARG D 163 -5.14 13.62 -19.71
N SER D 164 -6.16 12.85 -20.08
CA SER D 164 -6.76 11.87 -19.18
C SER D 164 -7.39 10.72 -19.96
N ALA D 165 -6.55 9.96 -20.64
CA ALA D 165 -7.03 8.83 -21.45
C ALA D 165 -6.66 7.49 -20.80
N GLU D 166 -7.44 6.46 -21.11
CA GLU D 166 -7.21 5.13 -20.59
C GLU D 166 -7.57 4.07 -21.62
N PRO D 167 -6.64 3.14 -21.90
CA PRO D 167 -5.31 3.07 -21.29
C PRO D 167 -4.43 4.25 -21.69
N SER D 168 -3.31 4.42 -20.98
CA SER D 168 -2.39 5.53 -21.25
C SER D 168 -2.00 5.60 -22.72
N VAL D 169 -2.05 6.80 -23.28
CA VAL D 169 -1.70 7.00 -24.69
C VAL D 169 -0.39 7.77 -24.83
N PHE D 170 0.64 7.29 -24.16
CA PHE D 170 1.96 7.91 -24.24
C PHE D 170 3.01 6.92 -24.74
N VAL D 171 4.21 7.42 -25.01
CA VAL D 171 5.28 6.60 -25.56
C VAL D 171 6.63 6.92 -24.93
N ARG D 172 7.46 5.89 -24.76
CA ARG D 172 8.78 6.06 -24.17
C ARG D 172 9.75 6.76 -25.13
N THR D 173 10.34 5.99 -26.04
CA THR D 173 11.34 6.53 -26.96
C THR D 173 10.75 6.82 -28.34
N THR D 174 11.63 7.00 -29.33
CA THR D 174 11.20 7.30 -30.69
C THR D 174 10.81 6.03 -31.45
N ALA D 175 11.71 5.05 -31.48
CA ALA D 175 11.42 3.77 -32.11
C ALA D 175 10.35 3.03 -31.32
N GLU D 176 10.06 3.54 -30.13
CA GLU D 176 9.04 2.96 -29.26
C GLU D 176 7.64 3.23 -29.81
N GLY D 177 7.39 4.48 -30.16
CA GLY D 177 6.08 4.90 -30.66
C GLY D 177 5.75 4.28 -32.00
N VAL D 178 6.77 4.05 -32.82
CA VAL D 178 6.58 3.41 -34.11
C VAL D 178 6.02 2.00 -33.92
N ALA D 179 6.42 1.37 -32.83
CA ALA D 179 5.98 0.01 -32.53
C ALA D 179 4.49 -0.03 -32.16
N ARG D 180 4.05 0.95 -31.37
CA ARG D 180 2.66 0.98 -30.92
C ARG D 180 1.69 1.14 -32.09
N VAL D 181 2.00 2.05 -33.00
CA VAL D 181 1.14 2.29 -34.16
C VAL D 181 1.10 1.07 -35.08
N ARG D 182 2.27 0.55 -35.41
CA ARG D 182 2.37 -0.62 -36.28
C ARG D 182 1.62 -1.82 -35.71
N LYS D 183 1.71 -2.00 -34.41
CA LYS D 183 1.10 -3.16 -33.74
C LYS D 183 -0.38 -2.95 -33.44
N SER D 184 -0.79 -1.69 -33.32
CA SER D 184 -2.19 -1.37 -33.02
C SER D 184 -3.10 -1.67 -34.22
N LYS D 185 -2.49 -1.86 -35.38
CA LYS D 185 -3.24 -2.16 -36.60
C LYS D 185 -4.22 -1.05 -36.96
N GLY D 186 -3.81 0.19 -36.73
CA GLY D 186 -4.61 1.34 -37.11
C GLY D 186 -5.20 2.12 -35.94
N LYS D 187 -5.33 1.47 -34.79
CA LYS D 187 -5.94 2.11 -33.63
C LYS D 187 -4.94 2.89 -32.79
N TYR D 188 -4.21 3.80 -33.44
CA TYR D 188 -3.30 4.71 -32.74
C TYR D 188 -2.49 5.55 -33.72
N ALA D 189 -2.38 6.84 -33.43
CA ALA D 189 -1.63 7.77 -34.27
C ALA D 189 -0.56 8.49 -33.47
N TYR D 190 0.70 8.15 -33.74
CA TYR D 190 1.82 8.76 -33.04
C TYR D 190 2.07 10.19 -33.52
N LEU D 191 2.79 10.97 -32.72
CA LEU D 191 3.12 12.34 -33.07
C LEU D 191 4.61 12.59 -32.87
N LEU D 192 5.34 12.71 -33.98
CA LEU D 192 6.80 12.87 -33.92
C LEU D 192 7.33 13.83 -34.98
N GLU D 193 8.64 14.10 -34.89
CA GLU D 193 9.30 15.02 -35.83
C GLU D 193 9.06 14.58 -37.27
N SER D 194 8.94 15.55 -38.16
CA SER D 194 8.73 15.27 -39.58
C SER D 194 9.94 14.55 -40.17
N THR D 195 11.12 14.99 -39.78
CA THR D 195 12.36 14.38 -40.26
C THR D 195 12.37 12.87 -40.00
N MET D 196 11.70 12.46 -38.92
CA MET D 196 11.59 11.05 -38.59
C MET D 196 10.65 10.32 -39.54
N ASN D 197 9.39 10.73 -39.56
CA ASN D 197 8.39 10.10 -40.40
C ASN D 197 8.77 10.14 -41.88
N GLU D 198 9.36 11.27 -42.31
CA GLU D 198 9.79 11.42 -43.68
C GLU D 198 11.05 10.60 -43.94
N TYR D 199 11.44 9.80 -42.97
CA TYR D 199 12.61 8.95 -43.09
C TYR D 199 12.25 7.48 -42.91
N ILE D 200 11.27 7.22 -42.05
CA ILE D 200 10.81 5.85 -41.81
C ILE D 200 9.76 5.45 -42.83
N GLU D 201 9.07 6.45 -43.38
CA GLU D 201 8.11 6.21 -44.45
C GLU D 201 8.82 5.67 -45.68
N GLN D 202 10.11 5.99 -45.77
CA GLN D 202 10.94 5.53 -46.88
C GLN D 202 11.85 4.40 -46.44
N ARG D 203 11.41 3.66 -45.42
CA ARG D 203 12.17 2.51 -44.92
C ARG D 203 11.22 1.37 -44.57
N LYS D 204 11.70 0.13 -44.73
CA LYS D 204 10.90 -1.05 -44.47
C LYS D 204 10.18 -0.95 -43.13
N PRO D 205 9.00 -1.58 -43.02
CA PRO D 205 8.35 -2.34 -44.10
C PRO D 205 7.54 -1.44 -45.03
N CYS D 206 7.81 -0.15 -44.99
CA CYS D 206 7.11 0.83 -45.82
C CYS D 206 5.61 0.78 -45.55
N ASP D 207 5.26 0.53 -44.29
CA ASP D 207 3.86 0.37 -43.88
C ASP D 207 3.25 1.64 -43.32
N THR D 208 4.10 2.57 -42.89
CA THR D 208 3.62 3.81 -42.27
C THR D 208 3.64 4.99 -43.22
N MET D 209 3.09 6.12 -42.77
CA MET D 209 3.06 7.34 -43.56
C MET D 209 2.74 8.54 -42.68
N LYS D 210 2.79 9.73 -43.27
CA LYS D 210 2.46 10.96 -42.55
C LYS D 210 1.32 11.71 -43.25
N VAL D 211 0.31 12.08 -42.48
CA VAL D 211 -0.82 12.83 -43.02
C VAL D 211 -0.74 14.30 -42.66
N GLY D 212 -1.22 15.16 -43.55
CA GLY D 212 -1.19 16.60 -43.34
C GLY D 212 0.21 17.15 -43.41
N GLY D 213 0.32 18.48 -43.35
CA GLY D 213 1.61 19.13 -43.40
C GLY D 213 2.19 19.34 -42.01
N ASN D 214 3.45 19.75 -41.95
CA ASN D 214 4.11 19.99 -40.67
C ASN D 214 3.33 20.99 -39.82
N LEU D 215 2.84 20.52 -38.68
CA LEU D 215 2.03 21.34 -37.79
C LEU D 215 2.86 22.36 -37.03
N ASP D 216 4.17 22.35 -37.26
CA ASP D 216 5.08 23.30 -36.63
C ASP D 216 6.31 23.54 -37.50
N SER D 217 7.33 24.15 -36.90
CA SER D 217 8.58 24.43 -37.60
C SER D 217 9.70 24.76 -36.64
N LYS D 218 10.80 24.02 -36.76
CA LYS D 218 11.98 24.25 -35.94
C LYS D 218 13.25 24.06 -36.77
N GLY D 219 14.40 24.07 -36.09
CA GLY D 219 15.67 23.90 -36.77
C GLY D 219 16.73 23.27 -35.89
N TYR D 220 17.59 22.46 -36.51
CA TYR D 220 18.71 21.86 -35.81
C TYR D 220 19.92 22.78 -35.89
N GLY D 221 20.54 23.03 -34.73
CA GLY D 221 21.66 23.94 -34.67
C GLY D 221 22.93 23.33 -34.11
N ILE D 222 24.07 23.91 -34.46
CA ILE D 222 25.35 23.49 -33.92
C ILE D 222 25.65 24.30 -32.66
N ALA D 223 25.44 23.69 -31.50
CA ALA D 223 25.52 24.41 -30.24
C ALA D 223 26.92 24.39 -29.62
N THR D 224 27.41 25.57 -29.26
CA THR D 224 28.69 25.72 -28.57
C THR D 224 28.45 26.22 -27.15
N PRO D 225 29.42 25.99 -26.26
CA PRO D 225 29.32 26.54 -24.90
C PRO D 225 29.22 28.05 -24.93
N LYS D 226 28.25 28.61 -24.22
CA LYS D 226 27.99 30.04 -24.26
C LYS D 226 29.23 30.88 -23.97
N GLY D 227 29.68 31.63 -24.97
CA GLY D 227 30.84 32.49 -24.82
C GLY D 227 32.13 31.83 -25.26
N SER D 228 32.07 31.06 -26.34
CA SER D 228 33.25 30.37 -26.86
C SER D 228 33.83 31.12 -28.05
N SER D 229 35.16 31.11 -28.14
CA SER D 229 35.86 31.78 -29.23
C SER D 229 35.66 31.04 -30.54
N LEU D 230 35.06 29.86 -30.46
CA LEU D 230 34.83 29.02 -31.64
C LEU D 230 33.44 29.23 -32.21
N GLY D 231 32.53 29.72 -31.38
CA GLY D 231 31.14 29.92 -31.77
C GLY D 231 30.97 30.63 -33.11
N ASN D 232 31.72 31.71 -33.29
CA ASN D 232 31.63 32.49 -34.52
C ASN D 232 32.00 31.69 -35.77
N ALA D 233 33.17 31.06 -35.73
CA ALA D 233 33.66 30.29 -36.87
C ALA D 233 32.62 29.32 -37.40
N VAL D 234 32.07 28.50 -36.52
CA VAL D 234 31.09 27.49 -36.91
C VAL D 234 29.85 28.12 -37.55
N ASN D 235 29.37 29.21 -36.97
CA ASN D 235 28.19 29.89 -37.49
C ASN D 235 28.33 30.23 -38.97
N LEU D 236 29.42 30.88 -39.33
CA LEU D 236 29.71 31.21 -40.71
C LEU D 236 29.83 29.95 -41.56
N ALA D 237 30.41 28.91 -40.98
CA ALA D 237 30.61 27.65 -41.68
C ALA D 237 29.29 27.03 -42.12
N VAL D 238 28.30 27.06 -41.23
CA VAL D 238 26.99 26.49 -41.53
C VAL D 238 26.38 27.15 -42.76
N LEU D 239 26.54 28.47 -42.87
CA LEU D 239 26.00 29.20 -44.01
C LEU D 239 26.75 28.88 -45.28
N LYS D 240 28.08 28.86 -45.20
CA LYS D 240 28.92 28.56 -46.34
C LYS D 240 28.55 27.20 -46.94
N LEU D 241 28.30 26.23 -46.07
CA LEU D 241 27.94 24.88 -46.50
C LEU D 241 26.54 24.85 -47.09
N ASN D 242 25.65 25.68 -46.54
CA ASN D 242 24.28 25.75 -47.02
C ASN D 242 24.23 26.33 -48.44
N GLU D 243 24.98 27.41 -48.65
CA GLU D 243 25.03 28.07 -49.96
C GLU D 243 25.55 27.13 -51.03
N GLN D 244 26.74 26.56 -50.80
CA GLN D 244 27.34 25.64 -51.74
C GLN D 244 26.40 24.48 -52.07
N GLY D 245 25.54 24.14 -51.12
CA GLY D 245 24.55 23.09 -51.32
C GLY D 245 25.02 21.72 -50.88
N LEU D 246 25.49 21.62 -49.64
CA LEU D 246 25.95 20.35 -49.09
C LEU D 246 24.93 19.77 -48.12
N LEU D 247 24.04 20.62 -47.62
CA LEU D 247 23.05 20.19 -46.65
C LEU D 247 21.82 19.61 -47.34
N ASP D 248 21.68 19.88 -48.63
CA ASP D 248 20.55 19.38 -49.41
C ASP D 248 20.90 18.04 -50.03
N LYS D 249 22.04 17.98 -50.71
CA LYS D 249 22.53 16.74 -51.28
C LYS D 249 22.66 15.68 -50.21
N LEU D 250 22.91 16.13 -48.98
CA LEU D 250 23.11 15.24 -47.85
C LEU D 250 21.80 14.54 -47.47
N LYS D 251 20.79 15.33 -47.13
CA LYS D 251 19.50 14.79 -46.71
C LYS D 251 19.03 13.70 -47.67
N ASN D 252 18.96 14.02 -48.96
CA ASN D 252 18.53 13.05 -49.96
C ASN D 252 19.38 11.78 -49.94
N LYS D 253 20.68 11.95 -49.76
CA LYS D 253 21.62 10.83 -49.77
C LYS D 253 21.39 9.89 -48.59
N TRP D 254 20.66 10.34 -47.58
CA TRP D 254 20.44 9.54 -46.38
C TRP D 254 18.96 9.35 -46.08
N TRP D 255 18.10 10.01 -46.85
CA TRP D 255 16.66 9.91 -46.63
C TRP D 255 15.95 9.18 -47.77
N TYR D 256 16.45 9.36 -48.98
CA TYR D 256 15.79 8.80 -50.16
C TYR D 256 16.73 7.96 -51.00
N ASP D 257 18.02 8.29 -50.96
CA ASP D 257 19.03 7.50 -51.67
C ASP D 257 19.36 6.25 -50.86
N LYS D 258 18.93 6.24 -49.60
CA LYS D 258 19.06 5.07 -48.75
C LYS D 258 17.67 4.55 -48.42
N GLY D 259 16.67 5.06 -49.14
CA GLY D 259 15.29 4.66 -48.94
C GLY D 259 15.04 3.24 -49.40
N GLU D 260 13.89 2.70 -49.01
CA GLU D 260 13.53 1.33 -49.37
C GLU D 260 12.14 1.28 -49.99
N CYS D 261 11.67 2.40 -50.53
CA CYS D 261 10.33 2.49 -51.11
C CYS D 261 10.35 3.19 -52.46
O1 DNQ E . -1.66 -3.03 16.74
O2 DNQ E . -3.44 -5.14 16.40
C1 DNQ E . -1.68 -3.75 15.55
C2 DNQ E . -2.57 -4.80 15.38
N1 DNQ E . -0.78 -3.38 14.49
N2 DNQ E . -2.59 -5.49 14.22
C3 DNQ E . -0.79 -4.07 13.33
C4 DNQ E . -1.69 -5.13 13.16
C5 DNQ E . 0.10 -3.72 12.27
C6 DNQ E . -1.70 -5.87 11.91
C7 DNQ E . 0.09 -4.45 11.02
C8 DNQ E . -0.79 -5.51 10.84
N3 DNQ E . 1.00 -4.04 9.99
N4 DNQ E . -0.82 -6.28 9.60
O3 DNQ E . 2.08 -3.37 10.31
O4 DNQ E . -1.93 -6.84 9.21
O5 DNQ E . 0.69 -4.19 8.73
O6 DNQ E . 0.30 -6.56 8.97
S SO4 F . -21.48 2.47 5.66
O1 SO4 F . -20.81 3.63 5.07
O2 SO4 F . -22.66 2.13 4.88
O3 SO4 F . -20.56 1.35 5.69
O4 SO4 F . -21.89 2.80 7.03
O1 DNQ G . -4.41 -35.02 21.20
O2 DNQ G . -3.72 -32.67 22.53
C1 DNQ G . -3.09 -34.64 21.31
C2 DNQ G . -2.75 -33.46 21.97
N1 DNQ G . -2.08 -35.48 20.73
N2 DNQ G . -1.45 -33.11 22.06
C3 DNQ G . -0.78 -35.12 20.83
C4 DNQ G . -0.43 -33.94 21.49
C5 DNQ G . 0.23 -35.94 20.25
C6 DNQ G . 0.97 -33.56 21.60
C7 DNQ G . 1.63 -35.57 20.35
C8 DNQ G . 2.00 -34.40 21.02
N3 DNQ G . 2.60 -36.45 19.77
N4 DNQ G . 3.40 -33.98 21.12
O3 DNQ G . 3.78 -36.61 20.31
O4 DNQ G . 3.76 -33.20 22.10
O5 DNQ G . 2.24 -37.23 18.78
O6 DNQ G . 4.23 -34.23 20.14
S SO4 H . -23.18 -35.74 19.85
O1 SO4 H . -22.23 -34.66 19.70
O2 SO4 H . -24.26 -35.59 18.86
O3 SO4 H . -22.51 -37.02 19.62
O4 SO4 H . -23.76 -35.72 21.20
O1 DNQ I . -16.49 26.19 6.87
O2 DNQ I . -14.64 27.37 5.17
C1 DNQ I . -16.29 25.68 5.60
C2 DNQ I . -15.36 26.28 4.75
N1 DNQ I . -17.04 24.53 5.17
N2 DNQ I . -15.17 25.78 3.51
C3 DNQ I . -16.85 24.05 3.93
C4 DNQ I . -15.92 24.63 3.07
C5 DNQ I . -17.59 22.90 3.48
C6 DNQ I . -15.71 24.10 1.74
C7 DNQ I . -17.39 22.36 2.16
C8 DNQ I . -16.47 22.94 1.29
N3 DNQ I . -18.18 21.21 1.78
N4 DNQ I . -16.23 22.42 -0.05
O3 DNQ I . -18.55 20.35 2.69
O4 DNQ I . -16.51 21.17 -0.33
O5 DNQ I . -18.68 21.11 0.57
O6 DNQ I . -15.60 23.15 -0.94
S SO4 J . 5.22 15.63 7.20
O1 SO4 J . 6.30 15.52 8.17
O2 SO4 J . 4.64 16.98 7.24
O3 SO4 J . 5.76 15.38 5.86
O4 SO4 J . 4.19 14.65 7.50
O1 DNQ K . 15.03 17.20 -27.48
O2 DNQ K . 16.65 18.65 -29.22
C1 DNQ K . 15.18 16.79 -28.79
C2 DNQ K . 16.00 17.51 -29.66
N1 DNQ K . 14.50 15.61 -29.26
N2 DNQ K . 16.15 17.11 -30.95
C3 DNQ K . 14.65 15.22 -30.54
C4 DNQ K . 15.46 15.94 -31.41
C5 DNQ K . 13.97 14.05 -31.01
C6 DNQ K . 15.62 15.50 -32.78
C7 DNQ K . 14.12 13.61 -32.38
C8 DNQ K . 14.94 14.32 -33.26
N3 DNQ K . 13.42 12.41 -32.77
N4 DNQ K . 15.09 13.90 -34.65
O3 DNQ K . 12.46 11.95 -32.03
O4 DNQ K . 14.05 13.53 -35.36
O5 DNQ K . 13.82 11.71 -33.81
O6 DNQ K . 16.27 14.03 -35.23
#